data_8DT2
#
_entry.id   8DT2
#
_cell.length_a   124.711
_cell.length_b   124.711
_cell.length_c   128.693
_cell.angle_alpha   90.00
_cell.angle_beta   90.00
_cell.angle_gamma   120.00
#
_symmetry.space_group_name_H-M   'P 31'
#
loop_
_entity.id
_entity.type
_entity.pdbx_description
1 polymer Acetylcholinesterase
2 non-polymer 'DIETHYL PHOSPHONATE'
3 non-polymer GLYCEROL
4 non-polymer 'DIMETHYL SULFOXIDE'
5 water water
#
_entity_poly.entity_id   1
_entity_poly.type   'polypeptide(L)'
_entity_poly.pdbx_seq_one_letter_code
;GPLEGREDAELLVTVRGGRLRGIRLKTPGGPVSAFLGIPFAEPPMGPRRFLPPEPKQPWSGVVDATTFQSVCYQYVDTLY
PGFEGTEMWNPNRELSEDCLYLNVWTPYPRPTSPTPVLVWIYGGGFYSGASSLDVYDGRFLVQAERTVLVSMNYRVGAFG
FLALPGSREAPGNVGLLDQRLALQWVQENVAAFGGDPTSVTLFGESAGAASVGMHLLSPPSRGLFHRAVLQSGAPNGPWA
TVGMGEARRRATQLAHLVGCPPGGTGGNDTELVACLRTRPAQVLVNHEWHVLPQESVFRFSFVPVVDGDFLSDTPEALIN
AGDFHGLQVLVGVVKDEGSYFLVYGAPGFSKDNESLISRAEFLAGVRVGVPQVSDLAAEAVVLHYTDWLHPEDPARLREA
LSDVVGDHNVVCPVAQLAGRLAAQGARVYAYVFEHRASTLSWPLWMGVPHGYEIEFIFGIPLDPSRNYTAEEKIFAQRLM
RYWANFARTGDPNEPRDPKAPQWPPYTAGAQQYVSLDLRPLEVRRGLRAQACAFWNRFLPKLLSATDTLD
;
_entity_poly.pdbx_strand_id   A,B
#
loop_
_chem_comp.id
_chem_comp.type
_chem_comp.name
_chem_comp.formula
DEP non-polymer 'DIETHYL PHOSPHONATE' 'C4 H11 O3 P'
DMS non-polymer 'DIMETHYL SULFOXIDE' 'C2 H6 O S'
GOL non-polymer GLYCEROL 'C3 H8 O3'
#
# COMPACT_ATOMS: atom_id res chain seq x y z
N GLU A 7 14.09 2.60 44.29
CA GLU A 7 14.96 2.61 43.12
C GLU A 7 14.71 1.38 42.24
N ASP A 8 15.76 0.59 41.99
CA ASP A 8 15.61 -0.63 41.20
C ASP A 8 14.72 -1.65 41.86
N ALA A 9 14.44 -1.50 43.17
CA ALA A 9 13.53 -2.43 43.83
C ALA A 9 12.09 -2.17 43.44
N GLU A 10 11.76 -0.95 43.03
CA GLU A 10 10.40 -0.62 42.60
C GLU A 10 10.10 -1.07 41.18
N LEU A 11 11.11 -1.45 40.40
CA LEU A 11 10.90 -2.04 39.08
C LEU A 11 10.58 -3.53 39.15
N LEU A 12 10.37 -4.07 40.36
CA LEU A 12 9.98 -5.46 40.54
C LEU A 12 8.62 -5.48 41.21
N VAL A 13 7.64 -6.09 40.53
CA VAL A 13 6.27 -6.15 41.02
C VAL A 13 5.73 -7.55 40.77
N THR A 14 4.98 -8.07 41.74
CA THR A 14 4.33 -9.36 41.64
C THR A 14 2.82 -9.16 41.46
N VAL A 15 2.25 -9.81 40.45
CA VAL A 15 0.80 -9.79 40.23
C VAL A 15 0.26 -11.19 40.50
N ARG A 16 -1.06 -11.36 40.31
CA ARG A 16 -1.69 -12.64 40.60
C ARG A 16 -1.16 -13.76 39.71
N GLY A 17 -0.49 -13.43 38.61
CA GLY A 17 -0.01 -14.45 37.70
C GLY A 17 1.47 -14.77 37.86
N GLY A 18 2.24 -13.81 38.37
CA GLY A 18 3.66 -14.03 38.54
C GLY A 18 4.39 -12.73 38.79
N ARG A 19 5.67 -12.72 38.45
CA ARG A 19 6.56 -11.59 38.71
C ARG A 19 6.93 -10.88 37.41
N LEU A 20 7.19 -9.58 37.52
CA LEU A 20 7.47 -8.74 36.37
C LEU A 20 8.63 -7.81 36.70
N ARG A 21 9.47 -7.54 35.70
CA ARG A 21 10.52 -6.53 35.81
C ARG A 21 10.22 -5.43 34.82
N GLY A 22 10.09 -4.20 35.32
CA GLY A 22 9.79 -3.05 34.51
C GLY A 22 11.03 -2.27 34.13
N ILE A 23 10.80 -1.05 33.64
CA ILE A 23 11.87 -0.17 33.19
C ILE A 23 11.54 1.25 33.65
N ARG A 24 12.59 2.01 33.96
CA ARG A 24 12.43 3.41 34.36
C ARG A 24 12.53 4.31 33.14
N LEU A 25 11.49 5.11 32.92
CA LEU A 25 11.47 6.07 31.83
C LEU A 25 11.79 7.46 32.35
N LYS A 26 12.48 8.24 31.54
CA LYS A 26 12.90 9.59 31.91
C LYS A 26 11.96 10.63 31.31
N THR A 27 11.63 11.63 32.11
CA THR A 27 10.92 12.83 31.70
C THR A 27 11.67 14.03 32.22
N PRO A 28 11.50 15.20 31.60
CA PRO A 28 12.22 16.39 32.08
C PRO A 28 11.86 16.79 33.51
N GLY A 29 10.85 16.17 34.12
CA GLY A 29 10.46 16.53 35.47
C GLY A 29 10.61 15.41 36.48
N GLY A 30 11.22 14.30 36.07
CA GLY A 30 11.41 13.18 36.98
C GLY A 30 11.17 11.83 36.33
N PRO A 31 11.58 10.76 37.00
CA PRO A 31 11.45 9.42 36.43
C PRO A 31 10.06 8.85 36.61
N VAL A 32 9.77 7.81 35.83
CA VAL A 32 8.50 7.10 35.86
C VAL A 32 8.79 5.61 35.71
N SER A 33 8.03 4.78 36.42
CA SER A 33 8.17 3.34 36.32
C SER A 33 7.15 2.80 35.30
N ALA A 34 7.64 2.02 34.34
CA ALA A 34 6.82 1.48 33.27
C ALA A 34 6.93 -0.04 33.24
N PHE A 35 5.79 -0.69 33.02
CA PHE A 35 5.72 -2.16 32.92
C PHE A 35 5.04 -2.49 31.60
N LEU A 36 5.84 -2.57 30.53
CA LEU A 36 5.33 -2.71 29.18
C LEU A 36 5.38 -4.18 28.76
N GLY A 37 4.22 -4.72 28.36
CA GLY A 37 4.18 -6.05 27.81
C GLY A 37 3.69 -7.12 28.77
N ILE A 38 2.73 -6.77 29.62
CA ILE A 38 2.19 -7.70 30.60
C ILE A 38 1.13 -8.56 29.93
N PRO A 39 1.30 -9.88 29.87
CA PRO A 39 0.27 -10.72 29.26
C PRO A 39 -0.95 -10.84 30.18
N PHE A 40 -2.13 -10.51 29.63
CA PHE A 40 -3.37 -10.63 30.38
C PHE A 40 -4.29 -11.71 29.82
N ALA A 41 -3.88 -12.40 28.77
CA ALA A 41 -4.70 -13.46 28.21
C ALA A 41 -3.81 -14.47 27.48
N GLU A 42 -4.30 -15.69 27.38
CA GLU A 42 -3.59 -16.69 26.59
C GLU A 42 -3.60 -16.28 25.11
N PRO A 43 -2.50 -16.47 24.39
CA PRO A 43 -2.45 -16.07 22.97
C PRO A 43 -3.56 -16.71 22.17
N PRO A 44 -4.39 -15.90 21.49
CA PRO A 44 -5.53 -16.42 20.74
C PRO A 44 -5.14 -16.92 19.35
N MET A 45 -4.30 -17.94 19.31
CA MET A 45 -3.81 -18.51 18.06
C MET A 45 -4.39 -19.91 17.86
N GLY A 46 -4.20 -20.43 16.65
CA GLY A 46 -4.66 -21.75 16.30
C GLY A 46 -6.15 -21.91 16.44
N PRO A 47 -6.58 -22.90 17.21
CA PRO A 47 -8.02 -23.10 17.44
C PRO A 47 -8.66 -21.99 18.25
N ARG A 48 -7.87 -21.15 18.91
CA ARG A 48 -8.38 -20.05 19.71
C ARG A 48 -8.66 -18.79 18.88
N ARG A 49 -8.37 -18.80 17.58
CA ARG A 49 -8.69 -17.68 16.72
C ARG A 49 -10.21 -17.52 16.60
N PHE A 50 -10.67 -16.28 16.66
CA PHE A 50 -12.07 -15.85 16.61
C PHE A 50 -12.84 -16.18 17.89
N LEU A 51 -12.18 -16.71 18.92
CA LEU A 51 -12.84 -17.10 20.17
C LEU A 51 -12.64 -16.04 21.24
N PRO A 52 -13.51 -16.01 22.24
CA PRO A 52 -13.31 -15.06 23.34
C PRO A 52 -12.02 -15.34 24.07
N PRO A 53 -11.40 -14.32 24.67
CA PRO A 53 -10.10 -14.53 25.30
C PRO A 53 -10.21 -15.35 26.58
N GLU A 54 -9.21 -16.20 26.80
CA GLU A 54 -9.01 -16.95 28.02
C GLU A 54 -7.99 -16.23 28.90
N PRO A 55 -8.20 -16.19 30.22
CA PRO A 55 -7.25 -15.47 31.08
C PRO A 55 -5.87 -16.12 31.04
N LYS A 56 -4.84 -15.28 31.12
CA LYS A 56 -3.47 -15.77 31.09
C LYS A 56 -3.19 -16.63 32.33
N GLN A 57 -2.78 -17.87 32.10
CA GLN A 57 -2.43 -18.76 33.19
C GLN A 57 -1.10 -18.34 33.83
N PRO A 58 -0.94 -18.58 35.13
CA PRO A 58 0.26 -18.08 35.84
C PRO A 58 1.54 -18.65 35.25
N TRP A 59 2.60 -17.86 35.36
CA TRP A 59 3.89 -18.19 34.76
C TRP A 59 4.95 -18.33 35.83
N SER A 60 5.96 -19.15 35.52
CA SER A 60 7.10 -19.34 36.40
C SER A 60 8.21 -18.36 36.05
N GLY A 61 8.85 -17.81 37.07
CA GLY A 61 9.96 -16.90 36.86
C GLY A 61 9.52 -15.44 36.79
N VAL A 62 10.33 -14.65 36.12
CA VAL A 62 10.12 -13.21 36.00
C VAL A 62 9.92 -12.89 34.52
N VAL A 63 8.69 -12.52 34.16
CA VAL A 63 8.41 -12.07 32.80
C VAL A 63 9.05 -10.71 32.58
N ASP A 64 9.75 -10.57 31.46
CA ASP A 64 10.32 -9.28 31.11
C ASP A 64 9.23 -8.32 30.69
N ALA A 65 9.23 -7.13 31.27
CA ALA A 65 8.22 -6.10 31.00
C ALA A 65 8.90 -4.75 30.75
N THR A 66 9.93 -4.76 29.91
CA THR A 66 10.71 -3.56 29.64
C THR A 66 10.47 -2.99 28.24
N THR A 67 9.71 -3.67 27.40
CA THR A 67 9.47 -3.20 26.05
C THR A 67 8.07 -3.61 25.61
N PHE A 68 7.49 -2.83 24.70
CA PHE A 68 6.17 -3.15 24.16
C PHE A 68 6.19 -4.49 23.44
N GLN A 69 5.09 -5.21 23.53
CA GLN A 69 4.95 -6.51 22.86
C GLN A 69 4.46 -6.29 21.43
N SER A 70 3.96 -7.35 20.80
CA SER A 70 3.62 -7.31 19.39
C SER A 70 2.29 -6.59 19.15
N VAL A 71 2.12 -6.10 17.92
CA VAL A 71 0.90 -5.46 17.47
C VAL A 71 0.02 -6.52 16.83
N CYS A 72 -1.29 -6.44 17.11
CA CYS A 72 -2.23 -7.39 16.53
C CYS A 72 -2.30 -7.22 15.01
N TYR A 73 -2.50 -8.34 14.32
CA TYR A 73 -2.51 -8.32 12.85
C TYR A 73 -3.54 -7.33 12.34
N GLN A 74 -3.11 -6.46 11.44
CA GLN A 74 -3.96 -5.37 10.99
C GLN A 74 -3.45 -4.84 9.66
N TYR A 75 -4.38 -4.25 8.91
CA TYR A 75 -4.01 -3.56 7.68
C TYR A 75 -3.07 -2.40 7.98
N VAL A 76 -2.10 -2.19 7.09
CA VAL A 76 -1.14 -1.11 7.21
C VAL A 76 -1.46 -0.04 6.17
N ASP A 77 -1.61 1.21 6.64
CA ASP A 77 -1.97 2.29 5.74
C ASP A 77 -0.84 2.60 4.77
N THR A 78 -1.17 2.66 3.47
CA THR A 78 -0.19 2.94 2.43
C THR A 78 -0.62 4.10 1.54
N LEU A 79 -1.50 4.98 2.04
CA LEU A 79 -2.00 6.08 1.21
C LEU A 79 -0.89 7.06 0.85
N TYR A 80 -0.13 7.50 1.84
CA TYR A 80 0.99 8.42 1.63
C TYR A 80 2.24 7.80 2.25
N PRO A 81 2.93 6.93 1.51
CA PRO A 81 4.15 6.31 2.06
C PRO A 81 5.19 7.35 2.44
N GLY A 82 5.83 7.12 3.59
CA GLY A 82 6.85 8.02 4.09
C GLY A 82 6.33 9.29 4.73
N PHE A 83 5.02 9.39 4.95
CA PHE A 83 4.42 10.60 5.50
C PHE A 83 4.21 10.43 6.99
N GLU A 84 4.61 11.44 7.77
CA GLU A 84 4.47 11.34 9.22
C GLU A 84 3.00 11.30 9.63
N GLY A 85 2.15 12.07 8.94
CA GLY A 85 0.77 12.19 9.36
C GLY A 85 -0.01 10.88 9.31
N THR A 86 0.37 9.97 8.41
CA THR A 86 -0.30 8.69 8.31
C THR A 86 0.46 7.56 8.97
N GLU A 87 1.80 7.56 8.88
CA GLU A 87 2.59 6.47 9.44
C GLU A 87 2.75 6.55 10.95
N MET A 88 2.39 7.67 11.57
CA MET A 88 2.36 7.72 13.03
C MET A 88 1.28 6.84 13.64
N TRP A 89 0.32 6.36 12.83
CA TRP A 89 -0.71 5.46 13.32
C TRP A 89 -0.47 4.01 12.91
N ASN A 90 0.53 3.75 12.08
CA ASN A 90 0.85 2.42 11.63
C ASN A 90 1.59 1.64 12.73
N PRO A 91 1.58 0.30 12.66
CA PRO A 91 2.23 -0.50 13.69
C PRO A 91 3.72 -0.20 13.78
N ASN A 92 4.18 0.07 15.01
CA ASN A 92 5.60 0.32 15.27
C ASN A 92 6.29 -0.89 15.90
N ARG A 93 5.60 -2.01 16.06
CA ARG A 93 6.20 -3.28 16.44
C ARG A 93 5.79 -4.32 15.41
N GLU A 94 6.35 -5.52 15.56
CA GLU A 94 6.05 -6.60 14.62
C GLU A 94 4.62 -7.09 14.82
N LEU A 95 4.02 -7.56 13.73
CA LEU A 95 2.65 -8.06 13.78
C LEU A 95 2.64 -9.51 14.23
N SER A 96 1.62 -9.88 15.00
CA SER A 96 1.47 -11.23 15.51
C SER A 96 0.06 -11.40 16.06
N GLU A 97 -0.46 -12.63 15.99
CA GLU A 97 -1.71 -12.93 16.68
C GLU A 97 -1.50 -13.00 18.19
N ASP A 98 -0.29 -13.33 18.62
CA ASP A 98 0.09 -13.27 20.03
C ASP A 98 0.32 -11.81 20.38
N CYS A 99 -0.76 -11.11 20.74
CA CYS A 99 -0.69 -9.67 20.96
C CYS A 99 -1.44 -9.18 22.20
N LEU A 100 -2.13 -10.06 22.93
CA LEU A 100 -2.95 -9.65 24.07
C LEU A 100 -2.03 -9.32 25.25
N TYR A 101 -1.52 -8.09 25.24
CA TYR A 101 -0.66 -7.57 26.29
C TYR A 101 -1.10 -6.16 26.64
N LEU A 102 -0.87 -5.77 27.89
CA LEU A 102 -1.20 -4.43 28.36
C LEU A 102 0.04 -3.78 28.97
N ASN A 103 -0.06 -2.49 29.24
CA ASN A 103 1.05 -1.70 29.76
C ASN A 103 0.56 -0.84 30.93
N VAL A 104 1.41 -0.70 31.94
CA VAL A 104 1.09 0.05 33.15
C VAL A 104 2.21 1.04 33.41
N TRP A 105 1.87 2.32 33.45
CA TRP A 105 2.77 3.37 33.91
C TRP A 105 2.39 3.76 35.33
N THR A 106 3.39 4.07 36.15
CA THR A 106 3.16 4.45 37.53
C THR A 106 4.27 5.40 37.96
N PRO A 107 3.98 6.38 38.82
CA PRO A 107 4.98 7.40 39.15
C PRO A 107 6.08 6.85 40.02
N TYR A 108 7.19 7.59 40.05
CA TYR A 108 8.29 7.35 40.97
C TYR A 108 8.43 8.55 41.89
N PRO A 109 8.42 8.35 43.23
CA PRO A 109 8.29 7.03 43.87
C PRO A 109 6.88 6.46 43.75
N ARG A 110 6.78 5.14 43.84
CA ARG A 110 5.49 4.47 43.68
C ARG A 110 4.49 5.02 44.68
N PRO A 111 3.26 5.28 44.25
CA PRO A 111 2.24 5.83 45.17
C PRO A 111 2.01 4.89 46.35
N THR A 112 2.04 5.46 47.54
CA THR A 112 1.79 4.70 48.76
C THR A 112 0.30 4.55 49.04
N SER A 113 -0.50 5.57 48.68
CA SER A 113 -1.95 5.69 48.77
C SER A 113 -2.60 5.22 47.47
N PRO A 114 -3.82 4.70 47.52
CA PRO A 114 -4.53 4.34 46.28
C PRO A 114 -4.74 5.57 45.41
N THR A 115 -4.27 5.48 44.17
CA THR A 115 -4.27 6.54 43.18
C THR A 115 -5.25 6.22 42.05
N PRO A 116 -6.02 7.19 41.58
CA PRO A 116 -6.94 6.94 40.46
C PRO A 116 -6.19 6.43 39.22
N VAL A 117 -6.91 5.63 38.42
CA VAL A 117 -6.34 4.92 37.30
C VAL A 117 -7.01 5.39 36.02
N LEU A 118 -6.21 5.79 35.03
CA LEU A 118 -6.68 6.07 33.68
C LEU A 118 -6.39 4.87 32.79
N VAL A 119 -7.39 4.45 32.02
CA VAL A 119 -7.26 3.29 31.13
C VAL A 119 -7.52 3.77 29.70
N TRP A 120 -6.52 3.64 28.84
CA TRP A 120 -6.58 4.11 27.48
C TRP A 120 -6.99 2.98 26.53
N ILE A 121 -7.89 3.29 25.61
CA ILE A 121 -8.31 2.37 24.56
C ILE A 121 -8.07 3.06 23.23
N TYR A 122 -7.10 2.56 22.46
CA TYR A 122 -6.77 3.22 21.20
C TYR A 122 -7.89 3.04 20.17
N GLY A 123 -7.89 3.94 19.18
CA GLY A 123 -8.81 3.86 18.07
C GLY A 123 -8.17 3.26 16.84
N GLY A 124 -8.86 3.43 15.71
CA GLY A 124 -8.39 2.89 14.45
C GLY A 124 -9.47 2.16 13.68
N GLY A 125 -10.71 2.62 13.83
CA GLY A 125 -11.83 2.06 13.09
C GLY A 125 -12.07 0.58 13.30
N PHE A 126 -11.64 0.03 14.44
CA PHE A 126 -11.74 -1.39 14.75
C PHE A 126 -10.97 -2.27 13.77
N TYR A 127 -10.07 -1.69 12.97
CA TYR A 127 -9.27 -2.45 12.02
C TYR A 127 -7.77 -2.22 12.19
N SER A 128 -7.35 -1.33 13.08
CA SER A 128 -5.94 -1.01 13.26
C SER A 128 -5.75 -0.38 14.64
N GLY A 129 -4.51 -0.07 14.95
CA GLY A 129 -4.18 0.58 16.21
C GLY A 129 -3.33 -0.32 17.10
N ALA A 130 -2.61 0.33 18.01
CA ALA A 130 -1.74 -0.37 18.95
C ALA A 130 -1.44 0.54 20.12
N SER A 131 -1.27 -0.06 21.30
CA SER A 131 -0.93 0.70 22.49
C SER A 131 0.51 1.17 22.53
N SER A 132 1.33 0.75 21.56
CA SER A 132 2.75 1.05 21.56
C SER A 132 3.11 2.29 20.75
N LEU A 133 2.13 2.96 20.15
CA LEU A 133 2.42 4.14 19.34
C LEU A 133 3.05 5.23 20.19
N ASP A 134 3.99 5.97 19.59
CA ASP A 134 4.72 6.99 20.33
C ASP A 134 3.79 8.06 20.87
N VAL A 135 2.67 8.31 20.19
CA VAL A 135 1.73 9.35 20.62
C VAL A 135 0.89 8.93 21.82
N TYR A 136 0.90 7.64 22.18
CA TYR A 136 0.21 7.15 23.36
C TYR A 136 1.13 6.97 24.56
N ASP A 137 2.34 7.52 24.50
CA ASP A 137 3.31 7.37 25.58
C ASP A 137 2.80 8.06 26.85
N GLY A 138 2.64 7.29 27.92
CA GLY A 138 2.09 7.78 29.15
C GLY A 138 3.08 8.25 30.19
N ARG A 139 4.35 8.45 29.83
CA ARG A 139 5.34 8.86 30.81
C ARG A 139 5.13 10.31 31.24
N PHE A 140 4.54 11.14 30.39
CA PHE A 140 4.36 12.55 30.74
C PHE A 140 3.10 12.77 31.56
N LEU A 141 2.02 12.07 31.22
CA LEU A 141 0.78 12.22 31.97
C LEU A 141 0.92 11.68 33.39
N VAL A 142 1.71 10.61 33.57
CA VAL A 142 1.86 10.00 34.87
C VAL A 142 2.79 10.83 35.76
N GLN A 143 3.86 11.38 35.18
CA GLN A 143 4.79 12.18 35.97
C GLN A 143 4.14 13.47 36.45
N ALA A 144 3.48 14.19 35.54
CA ALA A 144 2.97 15.53 35.86
C ALA A 144 1.71 15.50 36.72
N GLU A 145 0.97 14.39 36.74
CA GLU A 145 -0.27 14.32 37.48
C GLU A 145 -0.32 13.18 38.49
N ARG A 146 0.75 12.39 38.61
CA ARG A 146 0.86 11.35 39.63
C ARG A 146 -0.35 10.43 39.62
N THR A 147 -0.75 10.02 38.43
CA THR A 147 -1.83 9.06 38.23
C THR A 147 -1.27 7.78 37.62
N VAL A 148 -2.07 6.72 37.67
CA VAL A 148 -1.69 5.43 37.11
C VAL A 148 -2.39 5.27 35.76
N LEU A 149 -1.61 5.03 34.71
CA LEU A 149 -2.12 4.88 33.36
C LEU A 149 -1.97 3.44 32.89
N VAL A 150 -3.02 2.90 32.30
CA VAL A 150 -3.04 1.54 31.77
C VAL A 150 -3.53 1.60 30.33
N SER A 151 -2.95 0.77 29.46
CA SER A 151 -3.40 0.68 28.09
C SER A 151 -3.18 -0.76 27.62
N MET A 152 -4.16 -1.29 26.88
CA MET A 152 -4.12 -2.67 26.42
C MET A 152 -4.20 -2.73 24.91
N ASN A 153 -3.79 -3.88 24.37
CA ASN A 153 -4.02 -4.23 22.98
C ASN A 153 -5.25 -5.12 22.90
N TYR A 154 -6.06 -4.93 21.86
CA TYR A 154 -7.20 -5.78 21.61
C TYR A 154 -7.21 -6.16 20.14
N ARG A 155 -7.73 -7.35 19.86
CA ARG A 155 -7.77 -7.84 18.49
C ARG A 155 -8.66 -6.97 17.62
N VAL A 156 -8.12 -6.53 16.48
CA VAL A 156 -8.86 -5.68 15.54
C VAL A 156 -9.15 -6.48 14.27
N GLY A 157 -9.89 -5.88 13.34
CA GLY A 157 -10.18 -6.52 12.08
C GLY A 157 -11.00 -7.78 12.23
N ALA A 158 -10.76 -8.73 11.31
CA ALA A 158 -11.48 -10.00 11.36
C ALA A 158 -11.14 -10.79 12.62
N PHE A 159 -9.89 -10.68 13.10
CA PHE A 159 -9.48 -11.44 14.27
C PHE A 159 -10.21 -11.00 15.54
N GLY A 160 -10.75 -9.80 15.56
CA GLY A 160 -11.43 -9.31 16.74
C GLY A 160 -12.92 -9.14 16.57
N PHE A 161 -13.40 -9.09 15.31
CA PHE A 161 -14.80 -8.76 15.09
C PHE A 161 -15.46 -9.52 13.94
N LEU A 162 -14.82 -10.54 13.38
CA LEU A 162 -15.53 -11.41 12.45
C LEU A 162 -16.58 -12.19 13.22
N ALA A 163 -17.81 -12.15 12.74
CA ALA A 163 -18.95 -12.70 13.49
C ALA A 163 -19.82 -13.53 12.57
N LEU A 164 -19.98 -14.80 12.90
CA LEU A 164 -21.07 -15.61 12.38
C LEU A 164 -22.10 -15.73 13.49
N PRO A 165 -23.07 -14.82 13.56
CA PRO A 165 -23.93 -14.75 14.75
C PRO A 165 -24.68 -16.04 15.01
N GLY A 166 -24.80 -16.38 16.28
CA GLY A 166 -25.46 -17.61 16.70
C GLY A 166 -24.49 -18.75 16.98
N SER A 167 -23.46 -18.86 16.16
CA SER A 167 -22.49 -19.94 16.35
C SER A 167 -21.60 -19.64 17.56
N ARG A 168 -20.86 -20.67 17.97
CA ARG A 168 -19.91 -20.55 19.07
C ARG A 168 -18.46 -20.45 18.60
N GLU A 169 -18.18 -20.72 17.32
CA GLU A 169 -16.81 -20.66 16.84
C GLU A 169 -16.40 -19.24 16.46
N ALA A 170 -17.35 -18.40 16.05
CA ALA A 170 -17.10 -17.00 15.74
C ALA A 170 -18.25 -16.16 16.28
N PRO A 171 -18.30 -15.96 17.60
CA PRO A 171 -19.44 -15.23 18.17
C PRO A 171 -19.39 -13.74 17.91
N GLY A 172 -18.23 -13.18 17.57
CA GLY A 172 -18.11 -11.75 17.36
C GLY A 172 -17.87 -11.00 18.66
N ASN A 173 -17.49 -9.73 18.50
CA ASN A 173 -17.22 -8.81 19.59
C ASN A 173 -16.09 -9.29 20.51
N VAL A 174 -15.28 -10.24 20.05
CA VAL A 174 -14.21 -10.77 20.90
C VAL A 174 -13.15 -9.70 21.14
N GLY A 175 -13.01 -8.74 20.22
CA GLY A 175 -12.11 -7.63 20.47
C GLY A 175 -12.60 -6.73 21.60
N LEU A 176 -13.92 -6.62 21.77
CA LEU A 176 -14.46 -5.92 22.93
C LEU A 176 -14.26 -6.72 24.20
N LEU A 177 -14.32 -8.06 24.11
CA LEU A 177 -14.06 -8.90 25.28
C LEU A 177 -12.60 -8.84 25.70
N ASP A 178 -11.68 -8.63 24.75
CA ASP A 178 -10.28 -8.44 25.10
C ASP A 178 -10.11 -7.22 25.99
N GLN A 179 -10.82 -6.13 25.67
CA GLN A 179 -10.76 -4.94 26.49
C GLN A 179 -11.38 -5.19 27.86
N ARG A 180 -12.48 -5.92 27.91
CA ARG A 180 -13.14 -6.22 29.18
C ARG A 180 -12.24 -7.06 30.07
N LEU A 181 -11.62 -8.10 29.50
CA LEU A 181 -10.68 -8.91 30.27
C LEU A 181 -9.53 -8.08 30.79
N ALA A 182 -9.07 -7.11 30.01
CA ALA A 182 -8.03 -6.19 30.51
C ALA A 182 -8.57 -5.30 31.62
N LEU A 183 -9.88 -5.05 31.65
CA LEU A 183 -10.46 -4.28 32.74
C LEU A 183 -10.60 -5.14 34.00
N GLN A 184 -10.98 -6.41 33.84
CA GLN A 184 -10.96 -7.33 34.97
C GLN A 184 -9.55 -7.49 35.52
N TRP A 185 -8.54 -7.48 34.64
CA TRP A 185 -7.16 -7.55 35.10
C TRP A 185 -6.80 -6.33 35.94
N VAL A 186 -7.30 -5.16 35.56
CA VAL A 186 -7.00 -3.95 36.33
C VAL A 186 -7.63 -4.04 37.72
N GLN A 187 -8.84 -4.61 37.80
CA GLN A 187 -9.49 -4.75 39.10
C GLN A 187 -8.69 -5.66 40.03
N GLU A 188 -8.07 -6.70 39.47
CA GLU A 188 -7.39 -7.69 40.29
C GLU A 188 -5.91 -7.41 40.49
N ASN A 189 -5.32 -6.46 39.75
CA ASN A 189 -3.88 -6.30 39.81
C ASN A 189 -3.38 -4.87 39.82
N VAL A 190 -4.22 -3.86 39.61
CA VAL A 190 -3.70 -2.49 39.58
C VAL A 190 -3.27 -2.03 40.96
N ALA A 191 -3.75 -2.68 42.02
CA ALA A 191 -3.34 -2.30 43.37
C ALA A 191 -1.85 -2.55 43.58
N ALA A 192 -1.31 -3.56 42.91
CA ALA A 192 0.12 -3.87 43.04
C ALA A 192 1.01 -2.76 42.50
N PHE A 193 0.45 -1.84 41.71
CA PHE A 193 1.20 -0.71 41.14
C PHE A 193 0.89 0.60 41.84
N GLY A 194 0.08 0.58 42.90
CA GLY A 194 -0.31 1.80 43.58
C GLY A 194 -1.58 2.45 43.05
N GLY A 195 -2.44 1.69 42.38
CA GLY A 195 -3.63 2.23 41.76
C GLY A 195 -4.89 1.83 42.52
N ASP A 196 -5.89 2.72 42.48
CA ASP A 196 -7.15 2.49 43.17
C ASP A 196 -8.11 1.77 42.25
N PRO A 197 -8.43 0.49 42.48
CA PRO A 197 -9.40 -0.20 41.60
C PRO A 197 -10.82 0.29 41.74
N THR A 198 -11.11 1.24 42.64
CA THR A 198 -12.43 1.82 42.78
C THR A 198 -12.51 3.23 42.19
N SER A 199 -11.48 3.66 41.47
CA SER A 199 -11.46 4.97 40.82
C SER A 199 -10.84 4.82 39.43
N VAL A 200 -11.51 4.04 38.58
CA VAL A 200 -11.02 3.73 37.23
C VAL A 200 -11.76 4.61 36.23
N THR A 201 -11.01 5.27 35.35
CA THR A 201 -11.57 6.18 34.35
C THR A 201 -11.12 5.70 32.97
N LEU A 202 -12.07 5.19 32.17
CA LEU A 202 -11.79 4.82 30.79
C LEU A 202 -11.75 6.07 29.92
N PHE A 203 -10.73 6.16 29.05
CA PHE A 203 -10.73 7.21 28.04
C PHE A 203 -10.18 6.64 26.74
N GLY A 204 -10.92 6.84 25.66
CA GLY A 204 -10.53 6.37 24.35
C GLY A 204 -10.79 7.43 23.30
N GLU A 205 -10.44 7.09 22.06
CA GLU A 205 -10.56 8.04 20.96
C GLU A 205 -10.98 7.29 19.71
N SER A 206 -11.88 7.90 18.92
CA SER A 206 -12.39 7.35 17.67
C SER A 206 -13.04 6.00 17.97
N ALA A 207 -12.58 4.89 17.35
CA ALA A 207 -13.12 3.58 17.71
C ALA A 207 -12.88 3.26 19.18
N GLY A 208 -11.88 3.86 19.81
CA GLY A 208 -11.70 3.70 21.24
C GLY A 208 -12.83 4.34 22.03
N ALA A 209 -13.23 5.55 21.63
CA ALA A 209 -14.37 6.19 22.27
C ALA A 209 -15.65 5.40 22.05
N ALA A 210 -15.82 4.82 20.86
CA ALA A 210 -16.97 3.95 20.62
C ALA A 210 -16.91 2.72 21.51
N SER A 211 -15.70 2.21 21.76
CA SER A 211 -15.56 1.07 22.67
C SER A 211 -15.91 1.47 24.10
N VAL A 212 -15.45 2.64 24.55
CA VAL A 212 -15.80 3.12 25.88
C VAL A 212 -17.31 3.22 26.03
N GLY A 213 -17.99 3.70 25.00
CA GLY A 213 -19.45 3.82 25.06
C GLY A 213 -20.14 2.47 25.08
N MET A 214 -19.61 1.50 24.35
CA MET A 214 -20.21 0.17 24.35
C MET A 214 -20.01 -0.56 25.67
N HIS A 215 -19.00 -0.17 26.44
CA HIS A 215 -18.85 -0.72 27.79
C HIS A 215 -19.85 -0.10 28.76
N LEU A 216 -20.21 1.18 28.55
CA LEU A 216 -21.26 1.79 29.35
C LEU A 216 -22.59 1.09 29.15
N LEU A 217 -22.85 0.59 27.94
CA LEU A 217 -24.11 -0.03 27.59
C LEU A 217 -24.11 -1.54 27.77
N SER A 218 -23.02 -2.11 28.29
CA SER A 218 -22.96 -3.54 28.56
C SER A 218 -22.89 -3.76 30.06
N PRO A 219 -23.84 -4.48 30.65
CA PRO A 219 -23.87 -4.62 32.12
C PRO A 219 -22.60 -5.24 32.67
N PRO A 220 -22.07 -6.34 32.10
CA PRO A 220 -20.86 -6.93 32.70
C PRO A 220 -19.66 -6.00 32.70
N SER A 221 -19.56 -5.10 31.72
CA SER A 221 -18.44 -4.17 31.65
C SER A 221 -18.66 -2.93 32.50
N ARG A 222 -19.91 -2.57 32.79
CA ARG A 222 -20.19 -1.35 33.55
C ARG A 222 -19.63 -1.42 34.96
N GLY A 223 -19.58 -2.63 35.53
CA GLY A 223 -19.06 -2.80 36.88
C GLY A 223 -17.55 -2.78 37.01
N LEU A 224 -16.82 -2.47 35.94
CA LEU A 224 -15.37 -2.49 35.95
C LEU A 224 -14.74 -1.11 35.86
N PHE A 225 -15.55 -0.06 35.75
CA PHE A 225 -15.04 1.32 35.70
C PHE A 225 -16.11 2.23 36.27
N HIS A 226 -15.73 3.50 36.47
CA HIS A 226 -16.59 4.43 37.19
C HIS A 226 -16.84 5.71 36.41
N ARG A 227 -15.90 6.09 35.56
CA ARG A 227 -16.03 7.28 34.72
C ARG A 227 -15.67 6.93 33.29
N ALA A 228 -16.04 7.81 32.37
CA ALA A 228 -15.84 7.57 30.95
C ALA A 228 -15.47 8.87 30.26
N VAL A 229 -14.55 8.78 29.30
CA VAL A 229 -14.18 9.91 28.44
C VAL A 229 -14.22 9.41 27.00
N LEU A 230 -14.98 10.11 26.16
CA LEU A 230 -15.16 9.73 24.76
C LEU A 230 -14.67 10.89 23.89
N GLN A 231 -13.55 10.69 23.21
CA GLN A 231 -12.92 11.72 22.39
C GLN A 231 -13.17 11.39 20.92
N SER A 232 -13.97 12.22 20.24
CA SER A 232 -14.18 12.12 18.80
C SER A 232 -14.72 10.75 18.39
N GLY A 233 -15.70 10.26 19.14
CA GLY A 233 -16.29 8.98 18.81
C GLY A 233 -17.39 8.65 19.80
N ALA A 234 -18.27 7.74 19.38
CA ALA A 234 -19.41 7.35 20.20
C ALA A 234 -19.94 6.03 19.66
N PRO A 235 -20.54 5.19 20.51
CA PRO A 235 -21.00 3.88 20.03
C PRO A 235 -22.17 3.95 19.06
N ASN A 236 -22.96 5.03 19.08
CA ASN A 236 -24.11 5.17 18.20
C ASN A 236 -23.76 5.67 16.81
N GLY A 237 -22.47 5.85 16.51
CA GLY A 237 -22.04 6.28 15.20
C GLY A 237 -22.47 5.31 14.11
N PRO A 238 -22.68 5.82 12.90
CA PRO A 238 -23.13 4.95 11.80
C PRO A 238 -22.11 3.92 11.39
N TRP A 239 -20.85 4.08 11.80
CA TRP A 239 -19.77 3.18 11.42
C TRP A 239 -19.41 2.18 12.51
N ALA A 240 -19.93 2.35 13.73
CA ALA A 240 -19.42 1.64 14.88
C ALA A 240 -20.09 0.29 15.11
N THR A 241 -21.23 0.01 14.47
CA THR A 241 -21.92 -1.26 14.67
C THR A 241 -22.41 -1.81 13.34
N VAL A 242 -22.87 -3.04 13.36
CA VAL A 242 -23.36 -3.72 12.17
C VAL A 242 -24.41 -4.74 12.61
N GLY A 243 -25.36 -5.01 11.72
CA GLY A 243 -26.39 -5.98 12.00
C GLY A 243 -25.89 -7.41 11.90
N MET A 244 -26.72 -8.34 12.40
CA MET A 244 -26.36 -9.75 12.38
C MET A 244 -26.32 -10.29 10.95
N GLY A 245 -27.29 -9.93 10.12
CA GLY A 245 -27.31 -10.43 8.76
C GLY A 245 -26.17 -9.89 7.92
N GLU A 246 -25.82 -8.62 8.11
CA GLU A 246 -24.72 -8.04 7.35
C GLU A 246 -23.38 -8.57 7.83
N ALA A 247 -23.23 -8.79 9.14
CA ALA A 247 -22.01 -9.39 9.66
C ALA A 247 -21.83 -10.82 9.15
N ARG A 248 -22.93 -11.53 8.91
CA ARG A 248 -22.83 -12.87 8.34
C ARG A 248 -22.43 -12.81 6.87
N ARG A 249 -22.93 -11.81 6.14
CA ARG A 249 -22.58 -11.68 4.73
C ARG A 249 -21.12 -11.31 4.56
N ARG A 250 -20.62 -10.39 5.40
CA ARG A 250 -19.22 -9.97 5.30
C ARG A 250 -18.28 -11.10 5.68
N ALA A 251 -18.61 -11.85 6.73
CA ALA A 251 -17.77 -12.97 7.14
C ALA A 251 -17.73 -14.05 6.08
N THR A 252 -18.88 -14.34 5.46
CA THR A 252 -18.92 -15.34 4.41
C THR A 252 -18.16 -14.88 3.17
N GLN A 253 -18.23 -13.58 2.86
CA GLN A 253 -17.51 -13.06 1.71
C GLN A 253 -16.00 -13.17 1.90
N LEU A 254 -15.51 -12.88 3.11
CA LEU A 254 -14.09 -13.03 3.38
C LEU A 254 -13.66 -14.48 3.23
N ALA A 255 -14.48 -15.42 3.70
CA ALA A 255 -14.17 -16.83 3.52
C ALA A 255 -14.07 -17.17 2.04
N HIS A 256 -14.97 -16.61 1.22
CA HIS A 256 -14.91 -16.86 -0.21
C HIS A 256 -13.62 -16.32 -0.82
N LEU A 257 -13.19 -15.13 -0.37
CA LEU A 257 -12.01 -14.50 -0.95
C LEU A 257 -10.74 -15.28 -0.66
N VAL A 258 -10.69 -16.00 0.46
CA VAL A 258 -9.53 -16.80 0.82
C VAL A 258 -9.72 -18.27 0.47
N GLY A 259 -10.76 -18.60 -0.29
CA GLY A 259 -10.97 -19.96 -0.75
C GLY A 259 -11.66 -20.87 0.24
N CYS A 260 -12.62 -20.34 1.00
CA CYS A 260 -13.37 -21.10 1.98
C CYS A 260 -14.87 -21.02 1.68
N PRO A 261 -15.58 -22.16 1.63
CA PRO A 261 -14.99 -23.49 1.83
C PRO A 261 -14.38 -24.02 0.53
N PRO A 262 -13.60 -25.10 0.61
CA PRO A 262 -13.06 -25.70 -0.62
C PRO A 262 -14.20 -26.04 -1.58
N GLY A 263 -13.87 -26.03 -2.88
CA GLY A 263 -14.86 -26.07 -3.95
C GLY A 263 -15.99 -27.07 -3.77
N GLY A 264 -15.66 -28.35 -3.69
CA GLY A 264 -16.67 -29.38 -3.47
C GLY A 264 -16.88 -29.68 -2.01
N THR A 265 -17.57 -28.79 -1.29
CA THR A 265 -17.75 -28.91 0.14
C THR A 265 -18.88 -27.99 0.58
N GLY A 266 -19.61 -28.42 1.61
CA GLY A 266 -20.63 -27.58 2.22
C GLY A 266 -20.03 -26.59 3.20
N GLY A 267 -20.82 -25.59 3.57
CA GLY A 267 -20.31 -24.51 4.38
C GLY A 267 -21.18 -24.06 5.52
N ASN A 268 -21.49 -24.96 6.46
CA ASN A 268 -22.12 -24.52 7.70
C ASN A 268 -21.12 -23.70 8.52
N ASP A 269 -21.61 -23.09 9.60
CA ASP A 269 -20.77 -22.19 10.38
C ASP A 269 -19.57 -22.89 10.99
N THR A 270 -19.60 -24.23 11.10
CA THR A 270 -18.48 -24.95 11.68
C THR A 270 -17.36 -25.19 10.66
N GLU A 271 -17.73 -25.67 9.47
CA GLU A 271 -16.72 -25.90 8.45
C GLU A 271 -16.12 -24.60 7.93
N LEU A 272 -16.89 -23.51 7.97
CA LEU A 272 -16.38 -22.24 7.46
C LEU A 272 -15.31 -21.67 8.38
N VAL A 273 -15.56 -21.65 9.69
CA VAL A 273 -14.57 -21.13 10.62
C VAL A 273 -13.37 -22.08 10.71
N ALA A 274 -13.59 -23.37 10.54
CA ALA A 274 -12.47 -24.31 10.51
C ALA A 274 -11.56 -24.03 9.32
N CYS A 275 -12.14 -23.70 8.17
CA CYS A 275 -11.33 -23.35 7.01
C CYS A 275 -10.63 -22.01 7.22
N LEU A 276 -11.29 -21.05 7.88
CA LEU A 276 -10.65 -19.77 8.15
C LEU A 276 -9.49 -19.90 9.13
N ARG A 277 -9.59 -20.81 10.10
CA ARG A 277 -8.53 -20.96 11.08
C ARG A 277 -7.27 -21.58 10.50
N THR A 278 -7.36 -22.19 9.32
CA THR A 278 -6.18 -22.76 8.68
C THR A 278 -5.43 -21.76 7.80
N ARG A 279 -6.00 -20.60 7.56
CA ARG A 279 -5.37 -19.59 6.70
C ARG A 279 -4.36 -18.78 7.51
N PRO A 280 -3.23 -18.41 6.91
CA PRO A 280 -2.29 -17.49 7.58
C PRO A 280 -2.97 -16.17 7.88
N ALA A 281 -2.46 -15.49 8.91
CA ALA A 281 -3.08 -14.24 9.35
C ALA A 281 -2.98 -13.17 8.26
N GLN A 282 -1.84 -13.08 7.59
CA GLN A 282 -1.67 -12.04 6.58
C GLN A 282 -2.59 -12.24 5.40
N VAL A 283 -3.00 -13.48 5.12
CA VAL A 283 -3.92 -13.74 4.01
C VAL A 283 -5.28 -13.13 4.31
N LEU A 284 -5.77 -13.29 5.54
CA LEU A 284 -7.05 -12.70 5.91
C LEU A 284 -6.98 -11.18 5.87
N VAL A 285 -5.83 -10.60 6.25
CA VAL A 285 -5.70 -9.15 6.25
C VAL A 285 -5.68 -8.62 4.82
N ASN A 286 -5.04 -9.34 3.90
CA ASN A 286 -4.89 -8.85 2.53
C ASN A 286 -6.22 -8.79 1.78
N HIS A 287 -7.28 -9.41 2.31
CA HIS A 287 -8.59 -9.38 1.65
C HIS A 287 -9.65 -8.74 2.54
N GLU A 288 -9.25 -7.91 3.49
CA GLU A 288 -10.22 -7.30 4.40
C GLU A 288 -10.96 -6.14 3.74
N TRP A 289 -10.25 -5.29 3.01
CA TRP A 289 -10.84 -4.04 2.55
C TRP A 289 -11.78 -4.25 1.36
N HIS A 290 -11.52 -5.22 0.50
CA HIS A 290 -12.45 -5.50 -0.59
C HIS A 290 -13.43 -6.62 -0.24
N VAL A 291 -13.69 -6.82 1.06
CA VAL A 291 -14.94 -7.45 1.46
C VAL A 291 -16.11 -6.51 1.19
N LEU A 292 -15.89 -5.20 1.42
CA LEU A 292 -16.79 -4.14 0.98
C LEU A 292 -16.11 -3.31 -0.10
N PRO A 293 -16.30 -3.64 -1.39
CA PRO A 293 -15.66 -2.85 -2.44
C PRO A 293 -16.62 -1.88 -3.12
N GLN A 294 -16.32 -0.58 -3.20
CA GLN A 294 -15.23 0.11 -2.51
C GLN A 294 -15.64 1.59 -2.39
N GLU A 295 -16.25 2.07 -1.29
CA GLU A 295 -16.52 1.48 0.03
C GLU A 295 -15.25 1.33 0.88
N SER A 296 -14.67 2.49 1.23
CA SER A 296 -13.48 2.56 2.07
C SER A 296 -13.69 3.58 3.19
N VAL A 297 -14.12 4.78 2.82
CA VAL A 297 -14.27 5.88 3.79
C VAL A 297 -15.42 5.57 4.72
N PHE A 298 -15.12 5.41 6.01
CA PHE A 298 -16.12 5.19 7.06
C PHE A 298 -16.97 3.96 6.78
N ARG A 299 -16.38 2.95 6.15
CA ARG A 299 -17.07 1.70 5.91
C ARG A 299 -16.07 0.58 6.18
N PHE A 300 -16.00 0.20 7.46
CA PHE A 300 -15.09 -0.84 7.91
C PHE A 300 -15.78 -2.19 7.91
N SER A 301 -15.04 -3.22 7.48
CA SER A 301 -15.67 -4.52 7.23
C SER A 301 -16.10 -5.20 8.52
N PHE A 302 -15.27 -5.13 9.56
CA PHE A 302 -15.52 -5.88 10.78
C PHE A 302 -15.54 -4.93 11.97
N VAL A 303 -16.73 -4.68 12.48
CA VAL A 303 -16.96 -3.78 13.61
C VAL A 303 -17.79 -4.53 14.64
N PRO A 304 -18.03 -4.00 15.83
CA PRO A 304 -18.92 -4.68 16.78
C PRO A 304 -20.28 -5.00 16.17
N VAL A 305 -20.77 -6.21 16.45
CA VAL A 305 -22.04 -6.68 15.92
C VAL A 305 -23.09 -6.57 17.01
N VAL A 306 -24.32 -6.27 16.60
CA VAL A 306 -25.46 -6.19 17.52
C VAL A 306 -26.13 -7.56 17.48
N ASP A 307 -25.72 -8.43 18.39
CA ASP A 307 -26.20 -9.82 18.41
C ASP A 307 -27.12 -10.15 19.56
N GLY A 308 -27.16 -9.33 20.62
CA GLY A 308 -27.96 -9.59 21.79
C GLY A 308 -27.18 -10.05 23.00
N ASP A 309 -25.88 -10.32 22.85
CA ASP A 309 -25.06 -10.76 23.96
C ASP A 309 -24.34 -9.57 24.60
N PHE A 310 -23.22 -9.16 24.00
CA PHE A 310 -22.49 -8.01 24.52
C PHE A 310 -23.37 -6.77 24.49
N LEU A 311 -24.12 -6.57 23.41
CA LEU A 311 -25.08 -5.47 23.27
C LEU A 311 -26.46 -6.09 23.10
N SER A 312 -27.29 -5.98 24.15
CA SER A 312 -28.63 -6.57 24.12
C SER A 312 -29.51 -5.92 23.05
N ASP A 313 -29.20 -4.69 22.65
CA ASP A 313 -29.94 -4.02 21.60
C ASP A 313 -28.98 -3.06 20.91
N THR A 314 -29.50 -2.28 19.96
CA THR A 314 -28.67 -1.30 19.28
C THR A 314 -28.17 -0.26 20.29
N PRO A 315 -26.99 0.32 20.04
CA PRO A 315 -26.51 1.38 20.94
C PRO A 315 -27.48 2.54 21.09
N GLU A 316 -28.22 2.88 20.02
CA GLU A 316 -29.19 3.97 20.13
C GLU A 316 -30.31 3.63 21.10
N ALA A 317 -30.83 2.40 21.03
CA ALA A 317 -31.89 1.99 21.94
C ALA A 317 -31.42 1.94 23.38
N LEU A 318 -30.22 1.40 23.62
CA LEU A 318 -29.72 1.32 24.98
C LEU A 318 -29.43 2.70 25.57
N ILE A 319 -29.03 3.65 24.72
CA ILE A 319 -28.77 5.00 25.21
C ILE A 319 -30.08 5.69 25.61
N ASN A 320 -31.14 5.47 24.82
CA ASN A 320 -32.41 6.14 25.11
C ASN A 320 -33.07 5.57 26.36
N ALA A 321 -33.09 4.24 26.48
CA ALA A 321 -33.74 3.57 27.60
C ALA A 321 -32.75 3.18 28.69
N GLY A 322 -31.91 4.11 29.12
CA GLY A 322 -30.87 3.82 30.08
C GLY A 322 -30.79 4.84 31.20
N ASP A 323 -30.56 4.35 32.41
CA ASP A 323 -30.37 5.19 33.58
C ASP A 323 -28.87 5.35 33.82
N PHE A 324 -28.43 6.61 33.94
CA PHE A 324 -27.00 6.92 34.06
C PHE A 324 -26.71 7.74 35.31
N HIS A 325 -27.49 7.57 36.37
CA HIS A 325 -27.22 8.29 37.60
C HIS A 325 -25.94 7.79 38.24
N GLY A 326 -25.16 8.72 38.80
CA GLY A 326 -23.89 8.37 39.41
C GLY A 326 -22.76 8.16 38.44
N LEU A 327 -22.84 8.75 37.25
CA LEU A 327 -21.84 8.57 36.21
C LEU A 327 -21.37 9.93 35.73
N GLN A 328 -20.05 10.10 35.60
CA GLN A 328 -19.46 11.32 35.06
C GLN A 328 -18.83 10.99 33.71
N VAL A 329 -19.20 11.77 32.69
CA VAL A 329 -18.73 11.56 31.33
C VAL A 329 -18.09 12.85 30.82
N LEU A 330 -17.01 12.70 30.07
CA LEU A 330 -16.32 13.84 29.44
C LEU A 330 -16.23 13.54 27.94
N VAL A 331 -17.02 14.26 27.15
CA VAL A 331 -17.06 14.06 25.71
C VAL A 331 -16.52 15.29 25.01
N GLY A 332 -16.13 15.11 23.76
CA GLY A 332 -15.60 16.22 22.99
C GLY A 332 -15.17 15.77 21.61
N VAL A 333 -14.95 16.76 20.75
CA VAL A 333 -14.53 16.55 19.36
C VAL A 333 -13.47 17.60 19.03
N VAL A 334 -12.89 17.46 17.84
CA VAL A 334 -11.96 18.46 17.33
C VAL A 334 -12.71 19.40 16.42
N LYS A 335 -12.06 20.51 16.04
CA LYS A 335 -12.75 21.55 15.28
C LYS A 335 -13.08 21.08 13.87
N ASP A 336 -12.23 20.25 13.27
CA ASP A 336 -12.41 19.79 11.87
C ASP A 336 -12.32 18.25 11.87
N GLU A 337 -13.44 17.60 12.18
CA GLU A 337 -13.44 16.15 12.35
C GLU A 337 -13.34 15.41 11.02
N GLY A 338 -13.80 16.01 9.93
CA GLY A 338 -13.92 15.26 8.69
C GLY A 338 -12.82 15.44 7.67
N SER A 339 -11.96 16.45 7.85
CA SER A 339 -10.98 16.77 6.81
C SER A 339 -9.97 15.65 6.62
N TYR A 340 -9.63 14.92 7.69
CA TYR A 340 -8.66 13.84 7.60
C TYR A 340 -9.17 12.70 6.71
N PHE A 341 -10.47 12.44 6.71
CA PHE A 341 -11.02 11.31 5.98
C PHE A 341 -11.29 11.61 4.51
N LEU A 342 -11.29 12.88 4.12
CA LEU A 342 -11.63 13.24 2.74
C LEU A 342 -10.57 12.75 1.76
N VAL A 343 -9.30 12.72 2.16
CA VAL A 343 -8.21 12.32 1.27
C VAL A 343 -8.24 10.82 1.01
N TYR A 344 -9.19 10.12 1.63
CA TYR A 344 -9.29 8.67 1.52
C TYR A 344 -10.33 8.21 0.49
N GLY A 345 -10.77 9.10 -0.39
CA GLY A 345 -11.72 8.67 -1.40
C GLY A 345 -12.62 9.75 -1.97
N ALA A 346 -12.62 10.93 -1.38
CA ALA A 346 -13.44 12.00 -1.92
C ALA A 346 -12.78 12.55 -3.17
N PRO A 347 -13.49 12.69 -4.29
CA PRO A 347 -12.86 13.12 -5.54
C PRO A 347 -12.39 14.56 -5.46
N GLY A 348 -11.23 14.82 -6.06
CA GLY A 348 -10.65 16.15 -6.06
C GLY A 348 -9.82 16.49 -4.83
N PHE A 349 -9.71 15.59 -3.86
CA PHE A 349 -9.01 15.87 -2.62
C PHE A 349 -7.62 15.26 -2.63
N SER A 350 -6.65 16.02 -2.12
CA SER A 350 -5.26 15.62 -2.06
C SER A 350 -4.57 16.47 -1.00
N LYS A 351 -3.81 15.82 -0.12
CA LYS A 351 -3.16 16.58 0.94
C LYS A 351 -2.07 17.51 0.43
N ASP A 352 -1.65 17.34 -0.83
CA ASP A 352 -0.53 18.09 -1.38
C ASP A 352 -0.95 19.31 -2.21
N ASN A 353 -2.24 19.53 -2.40
CA ASN A 353 -2.71 20.76 -3.03
C ASN A 353 -3.76 21.38 -2.10
N GLU A 354 -4.56 22.31 -2.64
CA GLU A 354 -5.53 23.04 -1.84
C GLU A 354 -6.90 22.37 -1.79
N SER A 355 -7.12 21.31 -2.57
CA SER A 355 -8.38 20.57 -2.58
C SER A 355 -9.57 21.50 -2.81
N LEU A 356 -9.40 22.45 -3.72
CA LEU A 356 -10.47 23.36 -4.10
C LEU A 356 -11.40 22.61 -5.05
N ILE A 357 -12.38 21.91 -4.48
CA ILE A 357 -13.23 21.03 -5.26
C ILE A 357 -14.30 21.84 -5.99
N SER A 358 -14.84 21.24 -7.05
CA SER A 358 -15.88 21.86 -7.85
C SER A 358 -17.25 21.54 -7.27
N ARG A 359 -18.29 22.08 -7.91
CA ARG A 359 -19.66 21.78 -7.50
C ARG A 359 -19.98 20.31 -7.73
N ALA A 360 -19.52 19.73 -8.83
CA ALA A 360 -19.80 18.33 -9.13
C ALA A 360 -19.05 17.41 -8.18
N GLU A 361 -17.81 17.78 -7.82
CA GLU A 361 -17.03 16.97 -6.90
C GLU A 361 -17.63 16.98 -5.51
N PHE A 362 -18.23 18.10 -5.10
CA PHE A 362 -18.93 18.15 -3.81
C PHE A 362 -20.17 17.27 -3.83
N LEU A 363 -20.89 17.24 -4.96
CA LEU A 363 -22.06 16.38 -5.07
C LEU A 363 -21.68 14.90 -4.98
N ALA A 364 -20.53 14.53 -5.56
CA ALA A 364 -20.08 13.15 -5.48
C ALA A 364 -19.45 12.83 -4.13
N GLY A 365 -18.80 13.81 -3.50
CA GLY A 365 -18.15 13.56 -2.22
C GLY A 365 -19.13 13.22 -1.13
N VAL A 366 -20.34 13.77 -1.19
CA VAL A 366 -21.36 13.45 -0.20
C VAL A 366 -21.72 11.98 -0.24
N ARG A 367 -21.68 11.36 -1.44
CA ARG A 367 -21.99 9.95 -1.56
C ARG A 367 -20.94 9.07 -0.89
N VAL A 368 -19.69 9.54 -0.81
CA VAL A 368 -18.63 8.77 -0.18
C VAL A 368 -18.60 9.01 1.34
N GLY A 369 -18.75 10.27 1.76
CA GLY A 369 -18.75 10.57 3.17
C GLY A 369 -20.00 10.12 3.89
N VAL A 370 -21.14 10.12 3.19
CA VAL A 370 -22.39 9.64 3.75
C VAL A 370 -22.86 8.45 2.93
N PRO A 371 -22.32 7.26 3.15
CA PRO A 371 -22.70 6.10 2.32
C PRO A 371 -24.04 5.52 2.75
N GLN A 372 -24.64 4.77 1.81
CA GLN A 372 -25.89 4.05 2.05
C GLN A 372 -27.02 4.99 2.45
N VAL A 373 -27.28 5.97 1.57
CA VAL A 373 -28.40 6.88 1.73
C VAL A 373 -29.12 7.01 0.40
N SER A 374 -30.42 7.26 0.47
CA SER A 374 -31.22 7.43 -0.73
C SER A 374 -30.79 8.68 -1.48
N ASP A 375 -31.12 8.71 -2.77
CA ASP A 375 -30.77 9.87 -3.60
C ASP A 375 -31.47 11.13 -3.11
N LEU A 376 -32.70 10.98 -2.60
CA LEU A 376 -33.38 12.14 -2.02
C LEU A 376 -32.69 12.61 -0.75
N ALA A 377 -32.19 11.68 0.06
CA ALA A 377 -31.50 12.07 1.28
C ALA A 377 -30.17 12.74 0.98
N ALA A 378 -29.47 12.32 -0.07
CA ALA A 378 -28.21 12.96 -0.43
C ALA A 378 -28.43 14.38 -0.90
N GLU A 379 -29.56 14.62 -1.55
CA GLU A 379 -29.91 15.95 -2.02
C GLU A 379 -30.11 16.88 -0.83
N ALA A 380 -30.95 16.45 0.11
CA ALA A 380 -31.20 17.25 1.32
C ALA A 380 -29.92 17.60 2.05
N VAL A 381 -28.91 16.74 1.99
CA VAL A 381 -27.63 17.05 2.60
C VAL A 381 -26.94 18.18 1.84
N VAL A 382 -26.91 18.08 0.52
CA VAL A 382 -26.27 19.11 -0.29
C VAL A 382 -26.98 20.45 -0.11
N LEU A 383 -28.31 20.45 -0.10
CA LEU A 383 -29.06 21.69 0.00
C LEU A 383 -28.96 22.29 1.40
N HIS A 384 -28.71 21.46 2.41
CA HIS A 384 -28.56 21.98 3.77
C HIS A 384 -27.16 22.56 4.01
N TYR A 385 -26.14 22.04 3.35
CA TYR A 385 -24.76 22.45 3.57
C TYR A 385 -24.23 23.41 2.51
N THR A 386 -25.09 23.85 1.58
CA THR A 386 -24.69 24.80 0.56
C THR A 386 -24.96 26.22 1.04
N ASP A 387 -23.95 27.09 0.91
CA ASP A 387 -24.13 28.52 1.05
C ASP A 387 -24.66 29.04 -0.28
N TRP A 388 -25.94 29.42 -0.33
CA TRP A 388 -26.57 29.75 -1.60
C TRP A 388 -26.24 31.15 -2.09
N LEU A 389 -25.45 31.91 -1.35
CA LEU A 389 -24.84 33.12 -1.89
C LEU A 389 -23.52 32.81 -2.60
N HIS A 390 -22.88 31.69 -2.27
CA HIS A 390 -21.64 31.26 -2.93
C HIS A 390 -21.73 29.76 -3.20
N PRO A 391 -22.67 29.32 -4.04
CA PRO A 391 -22.86 27.88 -4.24
C PRO A 391 -21.78 27.22 -5.07
N GLU A 392 -20.87 27.99 -5.66
CA GLU A 392 -19.82 27.45 -6.51
C GLU A 392 -18.41 27.71 -5.97
N ASP A 393 -18.28 28.40 -4.84
CA ASP A 393 -16.97 28.71 -4.28
C ASP A 393 -16.25 27.44 -3.86
N PRO A 394 -15.11 27.10 -4.46
CA PRO A 394 -14.46 25.82 -4.13
C PRO A 394 -14.03 25.72 -2.67
N ALA A 395 -13.50 26.80 -2.09
CA ALA A 395 -13.04 26.73 -0.71
C ALA A 395 -14.20 26.48 0.25
N ARG A 396 -15.35 27.12 0.02
CA ARG A 396 -16.50 26.89 0.87
C ARG A 396 -17.06 25.48 0.67
N LEU A 397 -17.04 24.98 -0.56
CA LEU A 397 -17.49 23.61 -0.81
C LEU A 397 -16.57 22.60 -0.14
N ARG A 398 -15.28 22.92 -0.05
CA ARG A 398 -14.35 22.02 0.62
C ARG A 398 -14.68 21.91 2.11
N GLU A 399 -14.79 23.05 2.79
CA GLU A 399 -15.14 23.04 4.21
C GLU A 399 -16.54 22.50 4.45
N ALA A 400 -17.43 22.65 3.46
CA ALA A 400 -18.77 22.10 3.61
C ALA A 400 -18.73 20.58 3.65
N LEU A 401 -18.03 19.95 2.70
CA LEU A 401 -17.92 18.49 2.72
C LEU A 401 -17.18 18.01 3.95
N SER A 402 -16.20 18.79 4.43
CA SER A 402 -15.55 18.45 5.69
C SER A 402 -16.55 18.44 6.85
N ASP A 403 -17.48 19.40 6.85
CA ASP A 403 -18.52 19.43 7.88
C ASP A 403 -19.51 18.28 7.68
N VAL A 404 -19.90 18.01 6.43
CA VAL A 404 -20.82 16.92 6.17
C VAL A 404 -20.30 15.61 6.74
N VAL A 405 -19.02 15.32 6.47
CA VAL A 405 -18.42 14.07 6.92
C VAL A 405 -18.18 14.10 8.42
N GLY A 406 -17.74 15.25 8.95
CA GLY A 406 -17.49 15.35 10.38
C GLY A 406 -18.75 15.27 11.21
N ASP A 407 -19.84 15.87 10.73
CA ASP A 407 -21.08 15.89 11.50
C ASP A 407 -21.76 14.52 11.46
N HIS A 408 -21.84 13.90 10.28
CA HIS A 408 -22.59 12.65 10.15
C HIS A 408 -21.95 11.53 10.96
N ASN A 409 -20.62 11.51 11.04
CA ASN A 409 -19.91 10.36 11.61
C ASN A 409 -19.43 10.59 13.04
N VAL A 410 -19.13 11.82 13.43
CA VAL A 410 -18.51 12.05 14.74
C VAL A 410 -19.33 13.00 15.59
N VAL A 411 -19.46 14.26 15.14
CA VAL A 411 -19.94 15.32 16.03
C VAL A 411 -21.39 15.09 16.44
N CYS A 412 -22.22 14.65 15.52
CA CYS A 412 -23.64 14.53 15.85
C CYS A 412 -23.96 13.25 16.62
N PRO A 413 -23.35 12.10 16.31
CA PRO A 413 -23.51 10.94 17.21
C PRO A 413 -23.01 11.22 18.62
N VAL A 414 -21.98 12.06 18.77
CA VAL A 414 -21.50 12.41 20.10
C VAL A 414 -22.49 13.33 20.80
N ALA A 415 -22.97 14.36 20.09
CA ALA A 415 -23.92 15.30 20.69
C ALA A 415 -25.23 14.60 21.05
N GLN A 416 -25.69 13.68 20.20
CA GLN A 416 -26.85 12.88 20.54
C GLN A 416 -26.63 12.10 21.82
N LEU A 417 -25.44 11.50 21.97
CA LEU A 417 -25.14 10.73 23.17
C LEU A 417 -25.00 11.65 24.39
N ALA A 418 -24.29 12.77 24.23
CA ALA A 418 -24.08 13.67 25.37
C ALA A 418 -25.37 14.26 25.89
N GLY A 419 -26.33 14.52 25.01
CA GLY A 419 -27.61 15.06 25.45
C GLY A 419 -28.44 14.05 26.20
N ARG A 420 -28.46 12.80 25.72
CA ARG A 420 -29.25 11.77 26.40
C ARG A 420 -28.64 11.39 27.75
N LEU A 421 -27.32 11.45 27.89
CA LEU A 421 -26.70 11.13 29.17
C LEU A 421 -27.02 12.18 30.22
N ALA A 422 -26.83 13.46 29.87
CA ALA A 422 -27.04 14.53 30.85
C ALA A 422 -28.50 14.64 31.27
N ALA A 423 -29.43 14.28 30.38
CA ALA A 423 -30.85 14.36 30.67
C ALA A 423 -31.39 13.08 31.30
N GLN A 424 -30.52 12.11 31.60
CA GLN A 424 -30.98 10.86 32.20
C GLN A 424 -30.08 10.45 33.38
N GLY A 425 -29.49 11.44 34.06
CA GLY A 425 -28.80 11.21 35.32
C GLY A 425 -27.31 11.51 35.25
N ALA A 426 -26.69 11.27 34.11
CA ALA A 426 -25.24 11.40 34.02
C ALA A 426 -24.81 12.86 34.06
N ARG A 427 -23.67 13.11 34.71
CA ARG A 427 -23.04 14.42 34.68
C ARG A 427 -22.05 14.45 33.52
N VAL A 428 -22.24 15.40 32.60
CA VAL A 428 -21.51 15.43 31.34
C VAL A 428 -20.80 16.76 31.20
N TYR A 429 -19.52 16.71 30.81
CA TYR A 429 -18.76 17.88 30.41
C TYR A 429 -18.35 17.72 28.95
N ALA A 430 -18.38 18.82 28.20
CA ALA A 430 -18.10 18.79 26.77
C ALA A 430 -17.05 19.81 26.40
N TYR A 431 -16.26 19.49 25.38
CA TYR A 431 -15.21 20.37 24.90
C TYR A 431 -15.16 20.32 23.38
N VAL A 432 -14.44 21.28 22.80
CA VAL A 432 -14.12 21.30 21.37
C VAL A 432 -12.67 21.75 21.25
N PHE A 433 -11.81 20.85 20.76
CA PHE A 433 -10.39 21.13 20.64
C PHE A 433 -10.15 21.98 19.40
N GLU A 434 -9.61 23.20 19.59
CA GLU A 434 -9.48 24.16 18.48
C GLU A 434 -8.05 24.65 18.32
N HIS A 435 -7.06 23.86 18.71
CA HIS A 435 -5.67 24.25 18.55
C HIS A 435 -4.99 23.33 17.54
N ARG A 436 -4.37 23.94 16.53
CA ARG A 436 -3.61 23.20 15.54
C ARG A 436 -2.14 23.20 15.96
N ALA A 437 -1.57 22.01 16.10
CA ALA A 437 -0.19 21.89 16.55
C ALA A 437 0.77 22.57 15.58
N SER A 438 1.77 23.26 16.14
CA SER A 438 2.75 23.95 15.31
C SER A 438 3.63 23.00 14.51
N THR A 439 3.64 21.71 14.85
CA THR A 439 4.44 20.71 14.16
C THR A 439 3.61 19.80 13.27
N LEU A 440 2.37 20.19 12.98
CA LEU A 440 1.46 19.33 12.23
C LEU A 440 1.89 19.23 10.78
N SER A 441 2.00 17.99 10.29
CA SER A 441 2.48 17.73 8.94
C SER A 441 1.38 17.73 7.89
N TRP A 442 0.11 17.65 8.30
CA TRP A 442 -0.99 17.73 7.36
C TRP A 442 -1.10 19.15 6.79
N PRO A 443 -1.76 19.31 5.65
CA PRO A 443 -1.91 20.66 5.06
C PRO A 443 -2.71 21.59 5.95
N LEU A 444 -2.57 22.88 5.68
CA LEU A 444 -3.22 23.90 6.51
C LEU A 444 -4.73 23.86 6.36
N TRP A 445 -5.25 23.50 5.18
CA TRP A 445 -6.69 23.56 4.96
C TRP A 445 -7.45 22.51 5.75
N MET A 446 -6.77 21.51 6.33
CA MET A 446 -7.45 20.54 7.17
C MET A 446 -7.73 21.05 8.58
N GLY A 447 -7.15 22.20 8.96
CA GLY A 447 -7.41 22.77 10.26
C GLY A 447 -6.90 21.92 11.40
N VAL A 448 -7.81 21.47 12.26
CA VAL A 448 -7.48 20.57 13.36
C VAL A 448 -8.05 19.20 13.03
N PRO A 449 -7.27 18.31 12.42
CA PRO A 449 -7.82 17.05 11.93
C PRO A 449 -8.17 16.11 13.08
N HIS A 450 -8.86 15.04 12.71
CA HIS A 450 -9.28 14.02 13.65
C HIS A 450 -8.08 13.30 14.24
N GLY A 451 -8.04 13.20 15.56
CA GLY A 451 -7.02 12.44 16.25
C GLY A 451 -5.82 13.25 16.73
N TYR A 452 -5.76 14.54 16.43
CA TYR A 452 -4.61 15.35 16.77
C TYR A 452 -4.84 16.20 18.02
N GLU A 453 -5.70 15.73 18.91
CA GLU A 453 -5.73 16.17 20.30
C GLU A 453 -5.07 15.18 21.24
N ILE A 454 -4.80 13.96 20.77
CA ILE A 454 -4.23 12.92 21.61
C ILE A 454 -2.83 13.30 22.06
N GLU A 455 -2.03 13.89 21.16
CA GLU A 455 -0.67 14.25 21.52
C GLU A 455 -0.60 15.29 22.62
N PHE A 456 -1.67 16.07 22.83
CA PHE A 456 -1.68 17.03 23.92
C PHE A 456 -2.25 16.44 25.21
N ILE A 457 -3.13 15.45 25.11
CA ILE A 457 -3.63 14.78 26.31
C ILE A 457 -2.51 13.99 26.98
N PHE A 458 -1.62 13.39 26.19
CA PHE A 458 -0.53 12.60 26.72
C PHE A 458 0.73 13.40 26.97
N GLY A 459 0.66 14.73 26.86
CA GLY A 459 1.80 15.58 27.17
C GLY A 459 2.99 15.37 26.26
N ILE A 460 2.78 14.93 25.03
CA ILE A 460 3.90 14.73 24.11
C ILE A 460 4.71 15.99 23.89
N PRO A 461 4.14 17.20 23.85
CA PRO A 461 5.00 18.40 23.71
C PRO A 461 6.09 18.55 24.77
N LEU A 462 5.99 17.85 25.89
CA LEU A 462 7.04 17.92 26.91
C LEU A 462 8.30 17.16 26.51
N ASP A 463 8.25 16.33 25.47
CA ASP A 463 9.41 15.62 24.97
C ASP A 463 10.45 16.62 24.45
N PRO A 464 11.63 16.71 25.07
CA PRO A 464 12.60 17.74 24.62
C PRO A 464 13.14 17.50 23.23
N SER A 465 13.00 16.29 22.68
CA SER A 465 13.47 16.01 21.33
C SER A 465 12.51 16.49 20.25
N ARG A 466 11.39 17.10 20.61
CA ARG A 466 10.41 17.59 19.67
C ARG A 466 10.36 19.12 19.69
N ASN A 467 9.93 19.70 18.59
CA ASN A 467 10.01 21.15 18.37
C ASN A 467 8.67 21.84 18.58
N TYR A 468 8.05 21.60 19.74
CA TYR A 468 6.87 22.35 20.10
C TYR A 468 7.25 23.70 20.71
N THR A 469 6.28 24.62 20.73
CA THR A 469 6.53 25.94 21.29
C THR A 469 6.38 25.92 22.81
N ALA A 470 6.80 27.02 23.44
CA ALA A 470 6.66 27.12 24.89
C ALA A 470 5.20 27.20 25.32
N GLU A 471 4.38 27.89 24.52
CA GLU A 471 2.95 28.00 24.84
C GLU A 471 2.25 26.65 24.74
N GLU A 472 2.66 25.80 23.80
CA GLU A 472 2.07 24.48 23.67
C GLU A 472 2.44 23.58 24.84
N LYS A 473 3.62 23.79 25.43
CA LYS A 473 4.00 23.01 26.61
C LYS A 473 3.11 23.36 27.79
N ILE A 474 2.89 24.65 28.04
CA ILE A 474 2.00 25.06 29.11
C ILE A 474 0.58 24.61 28.81
N PHE A 475 0.19 24.65 27.53
CA PHE A 475 -1.15 24.22 27.14
C PHE A 475 -1.33 22.73 27.36
N ALA A 476 -0.28 21.93 27.10
CA ALA A 476 -0.39 20.49 27.33
C ALA A 476 -0.51 20.17 28.81
N GLN A 477 0.21 20.91 29.66
CA GLN A 477 0.11 20.69 31.10
C GLN A 477 -1.27 21.06 31.62
N ARG A 478 -1.89 22.09 31.06
CA ARG A 478 -3.24 22.46 31.48
C ARG A 478 -4.25 21.40 31.08
N LEU A 479 -4.09 20.81 29.90
CA LEU A 479 -5.00 19.75 29.47
C LEU A 479 -4.85 18.50 30.32
N MET A 480 -3.60 18.14 30.65
CA MET A 480 -3.38 16.95 31.48
C MET A 480 -4.01 17.11 32.85
N ARG A 481 -4.02 18.32 33.40
CA ARG A 481 -4.67 18.55 34.68
C ARG A 481 -6.19 18.41 34.55
N TYR A 482 -6.76 18.90 33.45
CA TYR A 482 -8.18 18.69 33.20
C TYR A 482 -8.53 17.21 33.20
N TRP A 483 -7.78 16.40 32.45
CA TRP A 483 -8.06 14.97 32.36
C TRP A 483 -7.80 14.27 33.69
N ALA A 484 -6.75 14.70 34.42
CA ALA A 484 -6.44 14.08 35.70
C ALA A 484 -7.48 14.44 36.75
N ASN A 485 -7.90 15.70 36.80
CA ASN A 485 -8.94 16.10 37.76
C ASN A 485 -10.23 15.32 37.53
N PHE A 486 -10.61 15.13 36.27
CA PHE A 486 -11.81 14.35 35.98
C PHE A 486 -11.63 12.90 36.41
N ALA A 487 -10.42 12.36 36.27
CA ALA A 487 -10.17 11.00 36.73
C ALA A 487 -10.27 10.90 38.25
N ARG A 488 -9.81 11.93 38.95
CA ARG A 488 -9.81 11.90 40.42
C ARG A 488 -11.19 12.22 40.99
N THR A 489 -11.70 13.42 40.70
CA THR A 489 -12.91 13.93 41.34
C THR A 489 -14.14 13.89 40.44
N GLY A 490 -14.02 13.41 39.21
CA GLY A 490 -15.14 13.45 38.30
C GLY A 490 -15.51 14.83 37.81
N ASP A 491 -14.65 15.82 38.03
CA ASP A 491 -14.90 17.20 37.63
C ASP A 491 -13.60 17.79 37.07
N PRO A 492 -13.60 18.23 35.80
CA PRO A 492 -12.35 18.73 35.22
C PRO A 492 -11.84 20.01 35.84
N ASN A 493 -12.68 20.79 36.53
CA ASN A 493 -12.21 22.02 37.16
C ASN A 493 -11.35 21.70 38.38
N GLU A 494 -10.40 22.60 38.63
CA GLU A 494 -9.53 22.42 39.79
C GLU A 494 -10.36 22.53 41.07
N PRO A 495 -10.21 21.59 42.02
CA PRO A 495 -11.14 21.54 43.16
C PRO A 495 -11.11 22.77 44.05
N ARG A 496 -10.08 23.61 43.95
CA ARG A 496 -9.97 24.76 44.84
C ARG A 496 -9.54 26.05 44.16
N ASP A 497 -9.16 26.03 42.87
CA ASP A 497 -8.65 27.22 42.21
C ASP A 497 -9.80 27.99 41.57
N PRO A 498 -10.11 29.20 42.03
CA PRO A 498 -11.14 30.02 41.37
C PRO A 498 -10.61 31.03 40.35
N LYS A 499 -9.29 31.12 40.18
CA LYS A 499 -8.72 32.11 39.28
C LYS A 499 -9.04 31.77 37.82
N ALA A 500 -8.75 30.54 37.41
CA ALA A 500 -9.01 30.13 36.04
C ALA A 500 -10.52 30.06 35.79
N PRO A 501 -10.95 30.36 34.56
CA PRO A 501 -12.38 30.28 34.25
C PRO A 501 -12.91 28.88 34.47
N GLN A 502 -14.20 28.80 34.79
CA GLN A 502 -14.84 27.54 35.15
C GLN A 502 -15.37 26.83 33.91
N TRP A 503 -15.48 25.50 34.04
CA TRP A 503 -16.00 24.63 32.98
C TRP A 503 -17.40 24.16 33.38
N PRO A 504 -18.46 24.78 32.87
CA PRO A 504 -19.81 24.38 33.31
C PRO A 504 -20.18 23.05 32.70
N PRO A 505 -20.97 22.24 33.42
CA PRO A 505 -21.42 20.96 32.87
C PRO A 505 -22.28 21.15 31.63
N TYR A 506 -22.36 20.09 30.83
CA TYR A 506 -23.18 20.08 29.62
C TYR A 506 -24.56 19.52 29.99
N THR A 507 -25.60 20.31 29.72
CA THR A 507 -26.98 19.89 29.95
C THR A 507 -27.71 19.87 28.61
N ALA A 508 -28.81 19.09 28.57
CA ALA A 508 -29.57 18.95 27.33
C ALA A 508 -30.23 20.26 26.89
N GLY A 509 -30.38 21.21 27.81
CA GLY A 509 -31.00 22.48 27.48
C GLY A 509 -30.01 23.57 27.15
N ALA A 510 -29.11 23.88 28.09
CA ALA A 510 -28.13 24.93 27.86
C ALA A 510 -27.09 24.50 26.83
N GLN A 511 -26.73 23.21 26.82
CA GLN A 511 -25.79 22.64 25.85
C GLN A 511 -24.47 23.40 25.85
N GLN A 512 -23.89 23.56 27.04
CA GLN A 512 -22.67 24.34 27.20
C GLN A 512 -21.44 23.45 27.03
N TYR A 513 -20.41 24.02 26.41
CA TYR A 513 -19.12 23.37 26.25
C TYR A 513 -18.05 24.44 26.28
N VAL A 514 -16.79 24.00 26.37
CA VAL A 514 -15.67 24.93 26.40
C VAL A 514 -14.77 24.66 25.19
N SER A 515 -14.00 25.67 24.81
CA SER A 515 -13.05 25.57 23.71
C SER A 515 -11.65 25.42 24.28
N LEU A 516 -10.94 24.39 23.82
CA LEU A 516 -9.60 24.08 24.29
C LEU A 516 -8.59 24.59 23.28
N ASP A 517 -7.88 25.66 23.62
CA ASP A 517 -6.82 26.20 22.79
C ASP A 517 -5.89 27.01 23.69
N LEU A 518 -4.98 27.78 23.07
CA LEU A 518 -4.00 28.53 23.84
C LEU A 518 -4.62 29.64 24.67
N ARG A 519 -5.81 30.12 24.29
CA ARG A 519 -6.52 31.10 25.09
C ARG A 519 -7.14 30.43 26.30
N PRO A 520 -7.45 31.19 27.35
CA PRO A 520 -8.18 30.62 28.49
C PRO A 520 -9.52 30.07 28.05
N LEU A 521 -10.14 29.31 28.96
CA LEU A 521 -11.42 28.67 28.66
C LEU A 521 -12.48 29.69 28.30
N GLU A 522 -13.27 29.38 27.27
CA GLU A 522 -14.39 30.19 26.84
C GLU A 522 -15.61 29.28 26.69
N VAL A 523 -16.70 29.65 27.34
CA VAL A 523 -17.92 28.84 27.30
C VAL A 523 -18.72 29.21 26.06
N ARG A 524 -19.23 28.18 25.39
CA ARG A 524 -20.10 28.34 24.23
C ARG A 524 -21.29 27.40 24.39
N ARG A 525 -22.26 27.56 23.48
CA ARG A 525 -23.49 26.77 23.54
C ARG A 525 -23.74 26.13 22.19
N GLY A 526 -24.04 24.82 22.21
CA GLY A 526 -24.41 24.12 21.01
C GLY A 526 -23.28 23.38 20.31
N LEU A 527 -23.28 22.05 20.42
CA LEU A 527 -22.37 21.20 19.66
C LEU A 527 -22.96 21.00 18.27
N ARG A 528 -22.78 22.02 17.43
CA ARG A 528 -23.33 22.03 16.07
C ARG A 528 -24.84 21.78 16.10
N ALA A 529 -25.53 22.61 16.88
CA ALA A 529 -26.93 22.36 17.20
C ALA A 529 -27.80 22.36 15.96
N GLN A 530 -27.59 23.32 15.06
CA GLN A 530 -28.41 23.39 13.85
C GLN A 530 -28.11 22.22 12.93
N ALA A 531 -26.83 21.90 12.73
CA ALA A 531 -26.47 20.82 11.82
C ALA A 531 -26.93 19.47 12.37
N CYS A 532 -26.73 19.23 13.67
CA CYS A 532 -27.06 17.92 14.22
C CYS A 532 -28.56 17.71 14.34
N ALA A 533 -29.35 18.78 14.31
CA ALA A 533 -30.80 18.59 14.23
C ALA A 533 -31.20 18.00 12.89
N PHE A 534 -30.43 18.31 11.83
CA PHE A 534 -30.72 17.73 10.52
C PHE A 534 -30.44 16.23 10.54
N TRP A 535 -29.35 15.81 11.18
CA TRP A 535 -28.98 14.39 11.18
C TRP A 535 -29.79 13.60 12.21
N ASN A 536 -29.96 14.14 13.42
CA ASN A 536 -30.60 13.40 14.50
C ASN A 536 -32.11 13.49 14.50
N ARG A 537 -32.68 14.49 13.84
CA ARG A 537 -34.13 14.69 13.88
C ARG A 537 -34.78 14.58 12.51
N PHE A 538 -34.21 15.19 11.47
CA PHE A 538 -34.87 15.17 10.18
C PHE A 538 -34.53 13.92 9.36
N LEU A 539 -33.25 13.57 9.25
CA LEU A 539 -32.85 12.48 8.37
C LEU A 539 -33.53 11.15 8.67
N PRO A 540 -33.70 10.72 9.94
CA PRO A 540 -34.46 9.48 10.17
C PRO A 540 -35.90 9.57 9.69
N LYS A 541 -36.44 10.77 9.57
CA LYS A 541 -37.79 10.98 9.07
C LYS A 541 -37.88 10.89 7.56
N LEU A 542 -36.83 11.35 6.86
CA LEU A 542 -36.81 11.28 5.41
C LEU A 542 -36.54 9.86 4.95
N LEU A 543 -35.78 9.09 5.72
CA LEU A 543 -35.52 7.69 5.40
C LEU A 543 -36.65 6.77 5.85
N SER A 544 -37.53 7.24 6.73
CA SER A 544 -38.68 6.43 7.15
C SER A 544 -39.67 6.28 6.00
N ALA A 545 -40.14 7.40 5.45
CA ALA A 545 -40.97 7.38 4.24
C ALA A 545 -40.03 7.44 3.05
N THR A 546 -39.68 6.28 2.52
CA THR A 546 -38.73 6.16 1.42
C THR A 546 -39.23 6.86 0.16
N GLU B 7 43.64 -13.28 -9.20
CA GLU B 7 43.08 -13.34 -7.86
C GLU B 7 42.48 -12.00 -7.46
N ASP B 8 42.93 -11.46 -6.33
CA ASP B 8 42.47 -10.14 -5.87
C ASP B 8 42.91 -9.03 -6.82
N ALA B 9 43.88 -9.28 -7.69
CA ALA B 9 44.31 -8.27 -8.65
C ALA B 9 43.28 -8.08 -9.76
N GLU B 10 42.47 -9.10 -10.03
CA GLU B 10 41.44 -9.00 -11.06
C GLU B 10 40.19 -8.26 -10.58
N LEU B 11 40.05 -8.03 -9.28
CA LEU B 11 38.98 -7.19 -8.76
C LEU B 11 39.30 -5.71 -8.84
N LEU B 12 40.40 -5.34 -9.50
CA LEU B 12 40.78 -3.94 -9.70
C LEU B 12 40.78 -3.68 -11.20
N VAL B 13 39.94 -2.74 -11.64
CA VAL B 13 39.80 -2.40 -13.04
C VAL B 13 39.73 -0.88 -13.17
N THR B 14 40.39 -0.35 -14.19
CA THR B 14 40.35 1.07 -14.50
C THR B 14 39.51 1.27 -15.74
N VAL B 15 38.56 2.20 -15.66
CA VAL B 15 37.74 2.56 -16.81
C VAL B 15 38.10 3.99 -17.21
N ARG B 16 37.45 4.49 -18.27
CA ARG B 16 37.77 5.81 -18.78
C ARG B 16 37.50 6.92 -17.77
N GLY B 17 36.74 6.63 -16.70
CA GLY B 17 36.42 7.63 -15.70
C GLY B 17 37.26 7.55 -14.45
N GLY B 18 37.79 6.37 -14.14
CA GLY B 18 38.59 6.21 -12.94
C GLY B 18 38.79 4.75 -12.61
N ARG B 19 39.04 4.47 -11.33
CA ARG B 19 39.35 3.14 -10.85
C ARG B 19 38.20 2.57 -10.03
N LEU B 20 38.06 1.24 -10.06
CA LEU B 20 36.97 0.55 -9.41
C LEU B 20 37.50 -0.71 -8.72
N ARG B 21 36.92 -1.03 -7.57
CA ARG B 21 37.19 -2.29 -6.89
C ARG B 21 35.92 -3.12 -6.87
N GLY B 22 36.00 -4.34 -7.41
CA GLY B 22 34.86 -5.24 -7.46
C GLY B 22 34.86 -6.24 -6.32
N ILE B 23 34.03 -7.26 -6.49
CA ILE B 23 33.86 -8.32 -5.48
C ILE B 23 33.76 -9.66 -6.19
N ARG B 24 34.24 -10.71 -5.52
CA ARG B 24 34.15 -12.07 -6.03
C ARG B 24 32.87 -12.72 -5.55
N LEU B 25 32.05 -13.18 -6.49
CA LEU B 25 30.82 -13.89 -6.18
C LEU B 25 31.03 -15.39 -6.33
N LYS B 26 30.38 -16.16 -5.47
CA LYS B 26 30.50 -17.60 -5.45
C LYS B 26 29.35 -18.26 -6.18
N THR B 27 29.66 -19.25 -7.01
CA THR B 27 28.68 -20.14 -7.63
C THR B 27 29.18 -21.56 -7.43
N PRO B 28 28.28 -22.54 -7.47
CA PRO B 28 28.71 -23.94 -7.28
C PRO B 28 29.68 -24.45 -8.34
N GLY B 29 29.94 -23.69 -9.40
CA GLY B 29 30.84 -24.14 -10.44
C GLY B 29 32.08 -23.30 -10.62
N GLY B 30 32.30 -22.33 -9.73
CA GLY B 30 33.47 -21.49 -9.82
C GLY B 30 33.17 -20.04 -9.49
N PRO B 31 34.21 -19.24 -9.26
CA PRO B 31 34.01 -17.84 -8.88
C PRO B 31 33.74 -16.95 -10.08
N VAL B 32 33.20 -15.77 -9.78
CA VAL B 32 32.87 -14.75 -10.77
C VAL B 32 33.24 -13.39 -10.19
N SER B 33 33.75 -12.50 -11.04
CA SER B 33 34.08 -11.14 -10.64
C SER B 33 32.92 -10.21 -10.98
N ALA B 34 32.48 -9.44 -9.99
CA ALA B 34 31.34 -8.54 -10.14
C ALA B 34 31.73 -7.12 -9.77
N PHE B 35 31.24 -6.17 -10.56
CA PHE B 35 31.50 -4.75 -10.34
C PHE B 35 30.14 -4.05 -10.26
N LEU B 36 29.58 -4.00 -9.05
CA LEU B 36 28.23 -3.51 -8.81
C LEU B 36 28.28 -2.06 -8.36
N GLY B 37 27.59 -1.18 -9.08
CA GLY B 37 27.45 0.20 -8.65
C GLY B 37 28.36 1.19 -9.34
N ILE B 38 28.59 0.99 -10.63
CA ILE B 38 29.44 1.86 -11.42
C ILE B 38 28.63 3.07 -11.87
N PRO B 39 29.01 4.30 -11.48
CA PRO B 39 28.26 5.48 -11.95
C PRO B 39 28.56 5.76 -13.41
N PHE B 40 27.50 5.84 -14.22
CA PHE B 40 27.66 6.16 -15.63
C PHE B 40 27.06 7.51 -15.99
N ALA B 41 26.50 8.24 -15.02
CA ALA B 41 25.95 9.55 -15.29
C ALA B 41 25.96 10.37 -14.02
N GLU B 42 25.98 11.69 -14.19
CA GLU B 42 25.85 12.58 -13.05
C GLU B 42 24.46 12.43 -12.43
N PRO B 43 24.35 12.50 -11.11
CA PRO B 43 23.04 12.33 -10.46
C PRO B 43 22.04 13.35 -10.96
N PRO B 44 20.90 12.89 -11.49
CA PRO B 44 19.88 13.80 -12.05
C PRO B 44 18.98 14.39 -10.96
N MET B 45 19.58 15.14 -10.05
CA MET B 45 18.87 15.75 -8.94
C MET B 45 18.82 17.26 -9.12
N GLY B 46 18.00 17.90 -8.28
CA GLY B 46 17.86 19.33 -8.30
C GLY B 46 17.39 19.86 -9.64
N PRO B 47 18.15 20.79 -10.22
CA PRO B 47 17.77 21.32 -11.54
C PRO B 47 17.90 20.30 -12.67
N ARG B 48 18.58 19.18 -12.45
CA ARG B 48 18.73 18.15 -13.46
C ARG B 48 17.56 17.17 -13.50
N ARG B 49 16.59 17.31 -12.62
CA ARG B 49 15.40 16.45 -12.66
C ARG B 49 14.61 16.72 -13.93
N PHE B 50 14.13 15.64 -14.55
CA PHE B 50 13.39 15.62 -15.81
C PHE B 50 14.24 15.93 -17.03
N LEU B 51 15.57 16.08 -16.87
CA LEU B 51 16.48 16.42 -17.96
C LEU B 51 17.21 15.18 -18.46
N PRO B 52 17.70 15.21 -19.69
CA PRO B 52 18.49 14.08 -20.19
C PRO B 52 19.75 13.91 -19.38
N PRO B 53 20.27 12.69 -19.28
CA PRO B 53 21.43 12.44 -18.42
C PRO B 53 22.70 13.03 -19.01
N GLU B 54 23.54 13.57 -18.14
CA GLU B 54 24.89 14.02 -18.46
C GLU B 54 25.90 12.95 -18.07
N PRO B 55 26.94 12.72 -18.88
CA PRO B 55 27.88 11.64 -18.56
C PRO B 55 28.61 11.91 -17.25
N LYS B 56 28.89 10.84 -16.52
CA LYS B 56 29.58 10.95 -15.23
C LYS B 56 30.99 11.49 -15.43
N GLN B 57 31.30 12.59 -14.75
CA GLN B 57 32.62 13.19 -14.82
C GLN B 57 33.64 12.33 -14.09
N PRO B 58 34.89 12.32 -14.54
CA PRO B 58 35.89 11.41 -13.93
C PRO B 58 36.11 11.71 -12.46
N TRP B 59 36.44 10.67 -11.70
CA TRP B 59 36.55 10.74 -10.26
C TRP B 59 37.97 10.41 -9.82
N SER B 60 38.36 10.96 -8.66
CA SER B 60 39.65 10.70 -8.07
C SER B 60 39.55 9.54 -7.09
N GLY B 61 40.56 8.68 -7.10
CA GLY B 61 40.61 7.56 -6.18
C GLY B 61 39.99 6.31 -6.75
N VAL B 62 39.54 5.44 -5.85
CA VAL B 62 38.97 4.14 -6.19
C VAL B 62 37.53 4.14 -5.72
N VAL B 63 36.60 4.17 -6.68
CA VAL B 63 35.18 4.04 -6.36
C VAL B 63 34.88 2.61 -5.92
N ASP B 64 34.17 2.47 -4.81
CA ASP B 64 33.77 1.15 -4.36
C ASP B 64 32.67 0.60 -5.27
N ALA B 65 32.87 -0.62 -5.74
CA ALA B 65 31.93 -1.28 -6.64
C ALA B 65 31.65 -2.69 -6.16
N THR B 66 31.37 -2.83 -4.87
CA THR B 66 31.17 -4.14 -4.26
C THR B 66 29.72 -4.43 -3.89
N THR B 67 28.83 -3.46 -4.04
CA THR B 67 27.43 -3.64 -3.69
C THR B 67 26.56 -2.82 -4.63
N PHE B 68 25.31 -3.26 -4.80
CA PHE B 68 24.37 -2.52 -5.64
C PHE B 68 24.11 -1.14 -5.06
N GLN B 69 23.92 -0.16 -5.94
CA GLN B 69 23.64 1.21 -5.53
C GLN B 69 22.13 1.37 -5.31
N SER B 70 21.66 2.62 -5.26
CA SER B 70 20.27 2.90 -4.90
C SER B 70 19.33 2.61 -6.06
N VAL B 71 18.06 2.37 -5.70
CA VAL B 71 16.98 2.15 -6.65
C VAL B 71 16.31 3.49 -6.94
N CYS B 72 15.98 3.73 -8.21
CA CYS B 72 15.33 4.98 -8.58
C CYS B 72 13.94 5.06 -7.94
N TYR B 73 13.55 6.29 -7.59
CA TYR B 73 12.28 6.52 -6.91
C TYR B 73 11.13 5.93 -7.72
N GLN B 74 10.29 5.14 -7.06
CA GLN B 74 9.25 4.41 -7.76
C GLN B 74 8.18 3.97 -6.78
N TYR B 75 6.98 3.76 -7.30
CA TYR B 75 5.89 3.22 -6.52
C TYR B 75 6.24 1.81 -6.05
N VAL B 76 5.82 1.49 -4.83
CA VAL B 76 6.05 0.18 -4.23
C VAL B 76 4.74 -0.57 -4.19
N ASP B 77 4.75 -1.79 -4.73
CA ASP B 77 3.54 -2.60 -4.81
C ASP B 77 3.08 -3.03 -3.42
N THR B 78 1.81 -2.78 -3.11
CA THR B 78 1.24 -3.14 -1.81
C THR B 78 -0.02 -3.99 -1.93
N LEU B 79 -0.21 -4.67 -3.07
CA LEU B 79 -1.42 -5.45 -3.28
C LEU B 79 -1.51 -6.62 -2.31
N TYR B 80 -0.44 -7.39 -2.20
CA TYR B 80 -0.37 -8.53 -1.27
C TYR B 80 0.86 -8.36 -0.39
N PRO B 81 0.74 -7.61 0.70
CA PRO B 81 1.89 -7.41 1.60
C PRO B 81 2.40 -8.73 2.15
N GLY B 82 3.73 -8.86 2.19
CA GLY B 82 4.35 -10.06 2.70
C GLY B 82 4.34 -11.23 1.75
N PHE B 83 3.94 -11.04 0.50
CA PHE B 83 3.83 -12.12 -0.48
C PHE B 83 5.08 -12.14 -1.36
N GLU B 84 5.66 -13.33 -1.53
CA GLU B 84 6.88 -13.43 -2.32
C GLU B 84 6.63 -13.07 -3.78
N GLY B 85 5.48 -13.48 -4.32
CA GLY B 85 5.24 -13.32 -5.74
C GLY B 85 5.21 -11.88 -6.20
N THR B 86 4.84 -10.95 -5.31
CA THR B 86 4.81 -9.53 -5.64
C THR B 86 6.01 -8.76 -5.08
N GLU B 87 6.47 -9.11 -3.88
CA GLU B 87 7.58 -8.37 -3.28
C GLU B 87 8.94 -8.71 -3.87
N MET B 88 9.03 -9.78 -4.67
CA MET B 88 10.27 -10.05 -5.39
C MET B 88 10.55 -9.00 -6.47
N TRP B 89 9.58 -8.18 -6.83
CA TRP B 89 9.78 -7.11 -7.80
C TRP B 89 9.89 -5.75 -7.17
N ASN B 90 9.68 -5.65 -5.86
CA ASN B 90 9.78 -4.38 -5.15
C ASN B 90 11.24 -4.00 -4.92
N PRO B 91 11.52 -2.73 -4.68
CA PRO B 91 12.91 -2.29 -4.49
C PRO B 91 13.55 -2.98 -3.28
N ASN B 92 14.73 -3.56 -3.50
CA ASN B 92 15.49 -4.20 -2.45
C ASN B 92 16.65 -3.34 -1.95
N ARG B 93 16.79 -2.11 -2.45
CA ARG B 93 17.70 -1.13 -1.91
C ARG B 93 16.92 0.15 -1.62
N GLU B 94 17.60 1.12 -1.01
CA GLU B 94 16.96 2.38 -0.66
C GLU B 94 16.67 3.20 -1.90
N LEU B 95 15.59 3.99 -1.84
CA LEU B 95 15.20 4.82 -2.97
C LEU B 95 15.97 6.14 -2.97
N SER B 96 16.31 6.62 -4.16
CA SER B 96 17.03 7.87 -4.32
C SER B 96 16.97 8.30 -5.77
N GLU B 97 17.00 9.62 -5.99
CA GLU B 97 17.16 10.13 -7.35
C GLU B 97 18.56 9.90 -7.87
N ASP B 98 19.54 9.82 -6.98
CA ASP B 98 20.91 9.44 -7.32
C ASP B 98 20.92 7.92 -7.51
N CYS B 99 20.57 7.48 -8.72
CA CYS B 99 20.41 6.06 -8.99
C CYS B 99 21.03 5.60 -10.31
N LEU B 100 21.60 6.49 -11.11
CA LEU B 100 22.14 6.14 -12.43
C LEU B 100 23.46 5.40 -12.25
N TYR B 101 23.33 4.09 -12.02
CA TYR B 101 24.47 3.19 -11.85
C TYR B 101 24.21 1.92 -12.63
N LEU B 102 25.29 1.29 -13.09
CA LEU B 102 25.21 0.03 -13.80
C LEU B 102 26.10 -1.00 -13.11
N ASN B 103 25.95 -2.26 -13.55
CA ASN B 103 26.67 -3.38 -12.96
C ASN B 103 27.26 -4.25 -14.07
N VAL B 104 28.45 -4.77 -13.84
CA VAL B 104 29.15 -5.60 -14.82
C VAL B 104 29.59 -6.89 -14.13
N TRP B 105 29.15 -8.02 -14.66
CA TRP B 105 29.64 -9.32 -14.26
C TRP B 105 30.61 -9.82 -15.33
N THR B 106 31.66 -10.51 -14.89
CA THR B 106 32.68 -11.02 -15.80
C THR B 106 33.26 -12.30 -15.21
N PRO B 107 33.63 -13.27 -16.04
CA PRO B 107 34.06 -14.57 -15.51
C PRO B 107 35.42 -14.48 -14.83
N TYR B 108 35.71 -15.50 -14.02
CA TYR B 108 37.03 -15.70 -13.46
C TYR B 108 37.64 -16.98 -14.00
N PRO B 109 38.84 -16.94 -14.57
CA PRO B 109 39.65 -15.73 -14.76
C PRO B 109 39.10 -14.81 -15.85
N ARG B 110 39.47 -13.54 -15.80
CA ARG B 110 38.95 -12.58 -16.75
C ARG B 110 39.23 -13.06 -18.18
N PRO B 111 38.26 -12.96 -19.08
CA PRO B 111 38.50 -13.40 -20.47
C PRO B 111 39.66 -12.64 -21.09
N THR B 112 40.57 -13.39 -21.71
CA THR B 112 41.71 -12.76 -22.37
C THR B 112 41.36 -12.27 -23.76
N SER B 113 40.45 -12.97 -24.46
CA SER B 113 39.90 -12.68 -25.78
C SER B 113 38.60 -11.87 -25.64
N PRO B 114 38.27 -11.05 -26.62
CA PRO B 114 36.99 -10.33 -26.59
C PRO B 114 35.82 -11.29 -26.55
N THR B 115 34.96 -11.12 -25.53
CA THR B 115 33.82 -11.98 -25.24
C THR B 115 32.52 -11.23 -25.50
N PRO B 116 31.53 -11.89 -26.12
CA PRO B 116 30.23 -11.23 -26.34
C PRO B 116 29.61 -10.75 -25.03
N VAL B 117 28.82 -9.68 -25.14
CA VAL B 117 28.27 -8.98 -23.99
C VAL B 117 26.75 -9.04 -24.05
N LEU B 118 26.13 -9.49 -22.96
CA LEU B 118 24.69 -9.42 -22.76
C LEU B 118 24.38 -8.20 -21.89
N VAL B 119 23.41 -7.40 -22.31
CA VAL B 119 23.00 -6.20 -21.59
C VAL B 119 21.53 -6.33 -21.23
N TRP B 120 21.25 -6.33 -19.93
CA TRP B 120 19.90 -6.55 -19.41
C TRP B 120 19.21 -5.22 -19.13
N ILE B 121 17.94 -5.14 -19.52
CA ILE B 121 17.09 -3.99 -19.25
C ILE B 121 15.85 -4.50 -18.52
N TYR B 122 15.71 -4.15 -17.23
CA TYR B 122 14.60 -4.66 -16.45
C TYR B 122 13.27 -4.06 -16.91
N GLY B 123 12.19 -4.76 -16.58
CA GLY B 123 10.85 -4.28 -16.84
C GLY B 123 10.21 -3.67 -15.60
N GLY B 124 8.90 -3.47 -15.71
CA GLY B 124 8.14 -2.88 -14.61
C GLY B 124 7.21 -1.78 -15.07
N GLY B 125 6.70 -1.90 -16.29
CA GLY B 125 5.74 -0.94 -16.82
C GLY B 125 6.21 0.49 -16.88
N PHE B 126 7.53 0.70 -16.95
CA PHE B 126 8.15 2.03 -16.96
C PHE B 126 7.86 2.82 -15.69
N TYR B 127 7.40 2.14 -14.63
CA TYR B 127 7.14 2.82 -13.36
C TYR B 127 7.85 2.18 -12.18
N SER B 128 8.55 1.06 -12.38
CA SER B 128 9.22 0.36 -11.30
C SER B 128 10.31 -0.51 -11.89
N GLY B 129 11.04 -1.19 -11.02
CA GLY B 129 12.10 -2.09 -11.42
C GLY B 129 13.47 -1.59 -10.97
N ALA B 130 14.41 -2.54 -10.87
CA ALA B 130 15.76 -2.23 -10.46
C ALA B 130 16.67 -3.37 -10.88
N SER B 131 17.92 -3.03 -11.19
CA SER B 131 18.91 -4.04 -11.57
C SER B 131 19.41 -4.85 -10.39
N SER B 132 19.00 -4.50 -9.17
CA SER B 132 19.52 -5.15 -7.97
C SER B 132 18.65 -6.29 -7.48
N LEU B 133 17.54 -6.58 -8.18
CA LEU B 133 16.65 -7.66 -7.73
C LEU B 133 17.37 -9.00 -7.77
N ASP B 134 17.06 -9.84 -6.79
CA ASP B 134 17.74 -11.13 -6.68
C ASP B 134 17.56 -11.99 -7.92
N VAL B 135 16.42 -11.83 -8.61
CA VAL B 135 16.12 -12.63 -9.79
C VAL B 135 16.91 -12.19 -11.02
N TYR B 136 17.56 -11.03 -10.98
CA TYR B 136 18.41 -10.57 -12.07
C TYR B 136 19.89 -10.82 -11.80
N ASP B 137 20.22 -11.64 -10.81
CA ASP B 137 21.60 -11.93 -10.46
C ASP B 137 22.29 -12.65 -11.61
N GLY B 138 23.36 -12.05 -12.13
CA GLY B 138 24.06 -12.57 -13.28
C GLY B 138 25.26 -13.46 -12.99
N ARG B 139 25.43 -13.91 -11.74
CA ARG B 139 26.59 -14.73 -11.42
C ARG B 139 26.50 -16.12 -12.03
N PHE B 140 25.29 -16.62 -12.28
CA PHE B 140 25.14 -17.96 -12.81
C PHE B 140 25.24 -17.99 -14.33
N LEU B 141 24.69 -16.99 -15.02
CA LEU B 141 24.79 -16.95 -16.47
C LEU B 141 26.22 -16.71 -16.93
N VAL B 142 26.98 -15.91 -16.17
CA VAL B 142 28.35 -15.59 -16.56
C VAL B 142 29.29 -16.76 -16.28
N GLN B 143 29.09 -17.46 -15.17
CA GLN B 143 29.95 -18.59 -14.84
C GLN B 143 29.77 -19.74 -15.84
N ALA B 144 28.52 -20.11 -16.11
CA ALA B 144 28.25 -21.28 -16.92
C ALA B 144 28.46 -21.06 -18.42
N GLU B 145 28.45 -19.81 -18.88
CA GLU B 145 28.56 -19.55 -20.31
C GLU B 145 29.70 -18.60 -20.65
N ARG B 146 30.48 -18.14 -19.67
CA ARG B 146 31.67 -17.33 -19.89
C ARG B 146 31.38 -16.13 -20.80
N THR B 147 30.29 -15.45 -20.50
CA THR B 147 29.92 -14.22 -21.19
C THR B 147 29.96 -13.06 -20.22
N VAL B 148 29.96 -11.85 -20.76
CA VAL B 148 29.99 -10.63 -19.96
C VAL B 148 28.56 -10.07 -19.89
N LEU B 149 28.06 -9.89 -18.68
CA LEU B 149 26.70 -9.41 -18.47
C LEU B 149 26.73 -8.00 -17.89
N VAL B 150 25.91 -7.12 -18.45
CA VAL B 150 25.80 -5.73 -18.01
C VAL B 150 24.34 -5.42 -17.76
N SER B 151 24.07 -4.64 -16.72
CA SER B 151 22.71 -4.19 -16.44
C SER B 151 22.77 -2.80 -15.80
N MET B 152 21.86 -1.92 -16.21
CA MET B 152 21.84 -0.56 -15.72
C MET B 152 20.51 -0.24 -15.06
N ASN B 153 20.51 0.81 -14.25
CA ASN B 153 19.29 1.41 -13.74
C ASN B 153 18.93 2.60 -14.62
N TYR B 154 17.63 2.78 -14.86
CA TYR B 154 17.15 3.93 -15.59
C TYR B 154 15.96 4.52 -14.83
N ARG B 155 15.81 5.84 -14.96
CA ARG B 155 14.74 6.53 -14.25
C ARG B 155 13.37 6.07 -14.75
N VAL B 156 12.50 5.68 -13.81
CA VAL B 156 11.17 5.24 -14.13
C VAL B 156 10.16 6.28 -13.64
N GLY B 157 8.89 6.04 -13.96
CA GLY B 157 7.84 6.93 -13.52
C GLY B 157 7.97 8.33 -14.10
N ALA B 158 7.50 9.31 -13.31
CA ALA B 158 7.57 10.70 -13.75
C ALA B 158 9.02 11.17 -13.92
N PHE B 159 9.93 10.68 -13.06
CA PHE B 159 11.33 11.10 -13.12
C PHE B 159 11.99 10.68 -14.43
N GLY B 160 11.48 9.66 -15.10
CA GLY B 160 12.08 9.19 -16.33
C GLY B 160 11.25 9.45 -17.57
N PHE B 161 9.95 9.74 -17.39
CA PHE B 161 9.07 9.83 -18.55
C PHE B 161 8.01 10.92 -18.45
N LEU B 162 8.08 11.83 -17.48
CA LEU B 162 7.21 13.00 -17.53
C LEU B 162 7.62 13.87 -18.70
N ALA B 163 6.66 14.23 -19.54
CA ALA B 163 6.95 14.91 -20.79
C ALA B 163 5.99 16.07 -20.98
N LEU B 164 6.55 17.27 -21.08
CA LEU B 164 5.84 18.41 -21.63
C LEU B 164 6.39 18.62 -23.05
N PRO B 165 5.78 17.98 -24.06
CA PRO B 165 6.42 17.93 -25.38
C PRO B 165 6.69 19.31 -25.95
N GLY B 166 7.84 19.46 -26.59
CA GLY B 166 8.24 20.74 -27.14
C GLY B 166 9.16 21.54 -26.25
N SER B 167 8.93 21.48 -24.94
CA SER B 167 9.73 22.24 -24.00
C SER B 167 11.13 21.66 -23.87
N ARG B 168 12.00 22.43 -23.22
CA ARG B 168 13.39 22.02 -23.00
C ARG B 168 13.63 21.52 -21.58
N GLU B 169 12.73 21.80 -20.65
CA GLU B 169 12.91 21.39 -19.26
C GLU B 169 12.36 20.00 -18.98
N ALA B 170 11.37 19.54 -19.76
CA ALA B 170 10.81 18.20 -19.62
C ALA B 170 10.58 17.63 -21.01
N PRO B 171 11.65 17.23 -21.70
CA PRO B 171 11.48 16.72 -23.07
C PRO B 171 10.89 15.32 -23.14
N GLY B 172 10.94 14.57 -22.04
CA GLY B 172 10.44 13.21 -22.04
C GLY B 172 11.47 12.21 -22.55
N ASN B 173 11.15 10.93 -22.34
CA ASN B 173 11.97 9.81 -22.77
C ASN B 173 13.37 9.82 -22.16
N VAL B 174 13.56 10.59 -21.08
CA VAL B 174 14.90 10.67 -20.48
C VAL B 174 15.29 9.34 -19.86
N GLY B 175 14.31 8.53 -19.44
CA GLY B 175 14.61 7.19 -18.98
C GLY B 175 15.13 6.29 -20.09
N LEU B 176 14.66 6.50 -21.32
CA LEU B 176 15.23 5.79 -22.46
C LEU B 176 16.64 6.29 -22.77
N LEU B 177 16.88 7.59 -22.56
CA LEU B 177 18.22 8.15 -22.76
C LEU B 177 19.19 7.64 -21.69
N ASP B 178 18.71 7.35 -20.48
CA ASP B 178 19.56 6.75 -19.47
C ASP B 178 20.08 5.39 -19.95
N GLN B 179 19.20 4.59 -20.58
CA GLN B 179 19.63 3.31 -21.10
C GLN B 179 20.61 3.47 -22.25
N ARG B 180 20.38 4.47 -23.11
CA ARG B 180 21.29 4.70 -24.22
C ARG B 180 22.67 5.12 -23.73
N LEU B 181 22.71 6.03 -22.76
CA LEU B 181 23.99 6.45 -22.20
C LEU B 181 24.73 5.27 -21.60
N ALA B 182 24.00 4.34 -20.97
CA ALA B 182 24.63 3.14 -20.46
C ALA B 182 25.15 2.25 -21.59
N LEU B 183 24.54 2.35 -22.78
CA LEU B 183 25.05 1.61 -23.92
C LEU B 183 26.29 2.26 -24.50
N GLN B 184 26.33 3.59 -24.54
CA GLN B 184 27.55 4.30 -24.92
C GLN B 184 28.68 4.00 -23.94
N TRP B 185 28.35 3.86 -22.65
CA TRP B 185 29.35 3.49 -21.67
C TRP B 185 29.91 2.10 -21.93
N VAL B 186 29.05 1.17 -22.36
CA VAL B 186 29.52 -0.17 -22.66
C VAL B 186 30.47 -0.16 -23.85
N GLN B 187 30.19 0.68 -24.85
CA GLN B 187 31.07 0.76 -26.01
C GLN B 187 32.46 1.27 -25.61
N GLU B 188 32.52 2.18 -24.65
CA GLU B 188 33.78 2.82 -24.28
C GLU B 188 34.51 2.11 -23.15
N ASN B 189 33.87 1.18 -22.45
CA ASN B 189 34.48 0.62 -21.25
C ASN B 189 34.33 -0.88 -21.06
N VAL B 190 33.51 -1.57 -21.86
CA VAL B 190 33.34 -3.00 -21.61
C VAL B 190 34.59 -3.78 -21.99
N ALA B 191 35.46 -3.21 -22.82
CA ALA B 191 36.70 -3.89 -23.16
C ALA B 191 37.60 -4.05 -21.95
N ALA B 192 37.52 -3.12 -21.00
CA ALA B 192 38.32 -3.20 -19.78
C ALA B 192 37.93 -4.40 -18.91
N PHE B 193 36.77 -5.00 -19.15
CA PHE B 193 36.32 -6.17 -18.41
C PHE B 193 36.44 -7.46 -19.21
N GLY B 194 37.03 -7.40 -20.41
CA GLY B 194 37.13 -8.56 -21.26
C GLY B 194 35.97 -8.76 -22.21
N GLY B 195 35.23 -7.71 -22.52
CA GLY B 195 34.05 -7.81 -23.35
C GLY B 195 34.27 -7.23 -24.73
N ASP B 196 33.56 -7.79 -25.71
CA ASP B 196 33.68 -7.36 -27.10
C ASP B 196 32.65 -6.28 -27.37
N PRO B 197 33.05 -5.01 -27.55
CA PRO B 197 32.06 -3.96 -27.84
C PRO B 197 31.43 -4.08 -29.22
N THR B 198 31.84 -5.05 -30.05
CA THR B 198 31.24 -5.28 -31.35
C THR B 198 30.32 -6.50 -31.36
N SER B 199 30.03 -7.06 -30.19
CA SER B 199 29.13 -8.21 -30.08
C SER B 199 28.23 -8.00 -28.86
N VAL B 200 27.41 -6.95 -28.91
CA VAL B 200 26.53 -6.57 -27.81
C VAL B 200 25.12 -7.05 -28.12
N THR B 201 24.51 -7.74 -27.15
CA THR B 201 23.18 -8.30 -27.29
C THR B 201 22.28 -7.74 -26.19
N LEU B 202 21.33 -6.87 -26.56
CA LEU B 202 20.34 -6.37 -25.62
C LEU B 202 19.28 -7.43 -25.37
N PHE B 203 18.94 -7.65 -24.10
CA PHE B 203 17.79 -8.48 -23.77
C PHE B 203 17.05 -7.88 -22.58
N GLY B 204 15.74 -7.71 -22.74
CA GLY B 204 14.90 -7.15 -21.71
C GLY B 204 13.61 -7.93 -21.59
N GLU B 205 12.77 -7.51 -20.65
CA GLU B 205 11.53 -8.21 -20.37
C GLU B 205 10.46 -7.19 -20.02
N SER B 206 9.24 -7.42 -20.54
CA SER B 206 8.07 -6.57 -20.31
C SER B 206 8.41 -5.16 -20.82
N ALA B 207 8.35 -4.12 -19.98
CA ALA B 207 8.78 -2.79 -20.42
C ALA B 207 10.24 -2.78 -20.84
N GLY B 208 11.05 -3.71 -20.33
CA GLY B 208 12.42 -3.82 -20.81
C GLY B 208 12.48 -4.29 -22.25
N ALA B 209 11.66 -5.28 -22.60
CA ALA B 209 11.57 -5.72 -23.99
C ALA B 209 11.04 -4.60 -24.87
N ALA B 210 10.07 -3.83 -24.37
CA ALA B 210 9.59 -2.67 -25.12
C ALA B 210 10.69 -1.64 -25.31
N SER B 211 11.56 -1.49 -24.30
CA SER B 211 12.68 -0.57 -24.44
C SER B 211 13.68 -1.06 -25.47
N VAL B 212 13.98 -2.37 -25.46
CA VAL B 212 14.87 -2.95 -26.46
C VAL B 212 14.33 -2.70 -27.86
N GLY B 213 13.01 -2.82 -28.04
CA GLY B 213 12.41 -2.56 -29.34
C GLY B 213 12.50 -1.10 -29.76
N MET B 214 12.34 -0.19 -28.79
CA MET B 214 12.43 1.23 -29.11
C MET B 214 13.85 1.65 -29.44
N HIS B 215 14.86 0.91 -28.98
CA HIS B 215 16.22 1.18 -29.40
C HIS B 215 16.49 0.70 -30.82
N LEU B 216 15.82 -0.39 -31.24
CA LEU B 216 15.90 -0.81 -32.63
C LEU B 216 15.33 0.23 -33.57
N LEU B 217 14.32 0.97 -33.13
CA LEU B 217 13.64 1.96 -33.95
C LEU B 217 14.19 3.37 -33.79
N SER B 218 15.25 3.55 -33.00
CA SER B 218 15.88 4.85 -32.84
C SER B 218 17.28 4.81 -33.45
N PRO B 219 17.56 5.63 -34.46
CA PRO B 219 18.85 5.54 -35.16
C PRO B 219 20.05 5.70 -34.24
N PRO B 220 20.08 6.72 -33.35
CA PRO B 220 21.27 6.87 -32.50
C PRO B 220 21.53 5.67 -31.59
N SER B 221 20.49 4.95 -31.18
CA SER B 221 20.65 3.78 -30.33
C SER B 221 20.98 2.51 -31.11
N ARG B 222 20.60 2.45 -32.39
CA ARG B 222 20.82 1.24 -33.18
C ARG B 222 22.31 0.94 -33.36
N GLY B 223 23.14 1.98 -33.39
CA GLY B 223 24.56 1.80 -33.55
C GLY B 223 25.32 1.35 -32.32
N LEU B 224 24.62 1.03 -31.22
CA LEU B 224 25.26 0.67 -29.97
C LEU B 224 25.07 -0.80 -29.60
N PHE B 225 24.36 -1.57 -30.42
CA PHE B 225 24.18 -3.00 -30.17
C PHE B 225 23.97 -3.69 -31.51
N HIS B 226 23.97 -5.03 -31.48
CA HIS B 226 23.99 -5.79 -32.73
C HIS B 226 22.89 -6.84 -32.78
N ARG B 227 22.45 -7.32 -31.62
CA ARG B 227 21.37 -8.29 -31.53
C ARG B 227 20.38 -7.83 -30.47
N ALA B 228 19.19 -8.42 -30.50
CA ALA B 228 18.11 -8.02 -29.60
C ALA B 228 17.32 -9.23 -29.16
N VAL B 229 16.90 -9.23 -27.90
CA VAL B 229 16.01 -10.25 -27.35
C VAL B 229 14.86 -9.54 -26.63
N LEU B 230 13.63 -9.89 -26.98
CA LEU B 230 12.44 -9.26 -26.42
C LEU B 230 11.59 -10.35 -25.77
N GLN B 231 11.54 -10.34 -24.44
CA GLN B 231 10.82 -11.34 -23.67
C GLN B 231 9.53 -10.73 -23.12
N SER B 232 8.39 -11.20 -23.61
CA SER B 232 7.08 -10.82 -23.09
C SER B 232 6.85 -9.31 -23.15
N GLY B 233 7.19 -8.71 -24.28
CA GLY B 233 7.00 -7.27 -24.45
C GLY B 233 7.46 -6.85 -25.83
N ALA B 234 6.95 -5.68 -26.23
CA ALA B 234 7.25 -5.15 -27.56
C ALA B 234 6.92 -3.67 -27.56
N PRO B 235 7.62 -2.86 -28.36
CA PRO B 235 7.36 -1.40 -28.33
C PRO B 235 6.01 -1.01 -28.88
N ASN B 236 5.40 -1.83 -29.75
CA ASN B 236 4.12 -1.51 -30.36
C ASN B 236 2.93 -1.85 -29.47
N GLY B 237 3.17 -2.29 -28.24
CA GLY B 237 2.10 -2.59 -27.32
C GLY B 237 1.24 -1.37 -27.02
N PRO B 238 -0.04 -1.60 -26.69
CA PRO B 238 -0.94 -0.47 -26.44
C PRO B 238 -0.59 0.32 -25.19
N TRP B 239 0.25 -0.23 -24.31
CA TRP B 239 0.63 0.42 -23.07
C TRP B 239 1.99 1.09 -23.13
N ALA B 240 2.78 0.84 -24.17
CA ALA B 240 4.19 1.20 -24.18
C ALA B 240 4.46 2.62 -24.65
N THR B 241 3.50 3.29 -25.29
CA THR B 241 3.71 4.65 -25.77
C THR B 241 2.49 5.51 -25.47
N VAL B 242 2.64 6.81 -25.70
CA VAL B 242 1.58 7.78 -25.44
C VAL B 242 1.76 8.94 -26.41
N GLY B 243 0.66 9.59 -26.75
CA GLY B 243 0.71 10.72 -27.64
C GLY B 243 1.22 11.98 -26.94
N MET B 244 1.55 12.98 -27.76
CA MET B 244 2.06 14.24 -27.22
C MET B 244 1.00 14.98 -26.40
N GLY B 245 -0.24 15.01 -26.90
CA GLY B 245 -1.28 15.71 -26.17
C GLY B 245 -1.64 15.03 -24.86
N GLU B 246 -1.66 13.69 -24.86
CA GLU B 246 -1.99 12.97 -23.63
C GLU B 246 -0.86 13.04 -22.61
N ALA B 247 0.39 13.02 -23.08
CA ALA B 247 1.52 13.18 -22.18
C ALA B 247 1.52 14.58 -21.55
N ARG B 248 1.02 15.58 -22.27
CA ARG B 248 0.91 16.91 -21.69
C ARG B 248 -0.21 16.98 -20.66
N ARG B 249 -1.31 16.27 -20.91
CA ARG B 249 -2.42 16.29 -19.96
C ARG B 249 -2.05 15.58 -18.67
N ARG B 250 -1.34 14.45 -18.77
CA ARG B 250 -0.95 13.70 -17.58
C ARG B 250 0.07 14.47 -16.76
N ALA B 251 1.04 15.11 -17.42
CA ALA B 251 2.04 15.89 -16.70
C ALA B 251 1.41 17.08 -15.99
N THR B 252 0.46 17.75 -16.65
CA THR B 252 -0.22 18.89 -16.03
C THR B 252 -1.08 18.45 -14.86
N GLN B 253 -1.74 17.28 -14.98
CA GLN B 253 -2.57 16.79 -13.89
C GLN B 253 -1.72 16.46 -12.67
N LEU B 254 -0.55 15.85 -12.87
CA LEU B 254 0.35 15.58 -11.76
C LEU B 254 0.78 16.86 -11.07
N ALA B 255 1.09 17.90 -11.84
CA ALA B 255 1.45 19.18 -11.24
C ALA B 255 0.29 19.72 -10.40
N HIS B 256 -0.94 19.56 -10.88
CA HIS B 256 -2.10 20.00 -10.12
C HIS B 256 -2.22 19.23 -8.81
N LEU B 257 -1.97 17.93 -8.85
CA LEU B 257 -2.13 17.11 -7.65
C LEU B 257 -1.13 17.46 -6.57
N VAL B 258 0.06 17.95 -6.95
CA VAL B 258 1.07 18.36 -5.99
C VAL B 258 1.08 19.86 -5.74
N GLY B 259 0.07 20.58 -6.24
CA GLY B 259 -0.05 22.00 -5.97
C GLY B 259 0.73 22.90 -6.89
N CYS B 260 0.85 22.54 -8.16
CA CYS B 260 1.58 23.33 -9.14
C CYS B 260 0.67 23.71 -10.31
N PRO B 261 0.62 25.00 -10.69
CA PRO B 261 1.35 26.07 -10.01
C PRO B 261 0.59 26.58 -8.79
N PRO B 262 1.25 27.37 -7.93
CA PRO B 262 0.54 27.97 -6.80
C PRO B 262 -0.68 28.76 -7.26
N GLY B 263 -1.67 28.85 -6.37
CA GLY B 263 -2.98 29.37 -6.71
C GLY B 263 -3.01 30.58 -7.60
N GLY B 264 -2.40 31.68 -7.14
CA GLY B 264 -2.32 32.88 -7.95
C GLY B 264 -1.07 32.97 -8.79
N THR B 265 -1.00 32.18 -9.86
CA THR B 265 0.18 32.12 -10.71
C THR B 265 -0.19 31.46 -12.03
N GLY B 266 0.47 31.90 -13.11
CA GLY B 266 0.30 31.26 -14.41
C GLY B 266 1.16 30.02 -14.53
N GLY B 267 0.83 29.21 -15.55
CA GLY B 267 1.48 27.92 -15.67
C GLY B 267 1.96 27.52 -17.06
N ASN B 268 2.85 28.32 -17.65
CA ASN B 268 3.52 27.87 -18.86
C ASN B 268 4.47 26.71 -18.52
N ASP B 269 5.03 26.09 -19.57
CA ASP B 269 5.85 24.91 -19.37
C ASP B 269 7.09 25.17 -18.52
N THR B 270 7.51 26.44 -18.38
CA THR B 270 8.70 26.73 -17.60
C THR B 270 8.38 26.84 -16.11
N GLU B 271 7.33 27.59 -15.76
CA GLU B 271 6.96 27.73 -14.37
C GLU B 271 6.42 26.44 -13.79
N LEU B 272 5.81 25.60 -14.63
CA LEU B 272 5.23 24.35 -14.13
C LEU B 272 6.31 23.37 -13.72
N VAL B 273 7.30 23.16 -14.57
CA VAL B 273 8.38 22.22 -14.25
C VAL B 273 9.26 22.77 -13.13
N ALA B 274 9.40 24.09 -13.03
CA ALA B 274 10.15 24.68 -11.93
C ALA B 274 9.48 24.37 -10.60
N CYS B 275 8.13 24.44 -10.57
CA CYS B 275 7.39 24.08 -9.38
C CYS B 275 7.53 22.59 -9.08
N LEU B 276 7.58 21.75 -10.11
CA LEU B 276 7.73 20.31 -9.91
C LEU B 276 9.10 19.98 -9.33
N ARG B 277 10.14 20.72 -9.74
CA ARG B 277 11.48 20.42 -9.27
C ARG B 277 11.69 20.77 -7.79
N THR B 278 10.79 21.57 -7.21
CA THR B 278 10.89 21.91 -5.80
C THR B 278 10.17 20.90 -4.90
N ARG B 279 9.40 19.99 -5.48
CA ARG B 279 8.68 19.01 -4.68
C ARG B 279 9.58 17.84 -4.33
N PRO B 280 9.44 17.28 -3.12
CA PRO B 280 10.17 16.06 -2.78
C PRO B 280 9.82 14.92 -3.73
N ALA B 281 10.75 13.98 -3.87
CA ALA B 281 10.54 12.89 -4.81
C ALA B 281 9.35 12.02 -4.41
N GLN B 282 9.23 11.73 -3.11
CA GLN B 282 8.15 10.85 -2.66
C GLN B 282 6.77 11.48 -2.88
N VAL B 283 6.69 12.81 -2.90
CA VAL B 283 5.41 13.45 -3.15
C VAL B 283 4.92 13.18 -4.56
N LEU B 284 5.82 13.28 -5.54
CA LEU B 284 5.44 12.99 -6.92
C LEU B 284 5.03 11.53 -7.08
N VAL B 285 5.69 10.62 -6.36
CA VAL B 285 5.35 9.21 -6.47
C VAL B 285 3.99 8.92 -5.86
N ASN B 286 3.66 9.60 -4.75
CA ASN B 286 2.41 9.33 -4.06
C ASN B 286 1.18 9.74 -4.85
N HIS B 287 1.35 10.51 -5.93
CA HIS B 287 0.23 10.94 -6.76
C HIS B 287 0.38 10.47 -8.20
N GLU B 288 1.17 9.43 -8.43
CA GLU B 288 1.42 8.96 -9.80
C GLU B 288 0.23 8.17 -10.35
N TRP B 289 -0.35 7.30 -9.51
CA TRP B 289 -1.32 6.35 -10.03
C TRP B 289 -2.69 6.98 -10.28
N HIS B 290 -3.08 7.98 -9.49
CA HIS B 290 -4.36 8.65 -9.74
C HIS B 290 -4.18 9.93 -10.56
N VAL B 291 -3.14 9.99 -11.38
CA VAL B 291 -3.16 10.89 -12.54
C VAL B 291 -4.20 10.39 -13.54
N LEU B 292 -4.34 9.07 -13.64
CA LEU B 292 -5.45 8.42 -14.34
C LEU B 292 -6.34 7.83 -13.25
N PRO B 293 -7.43 8.48 -12.86
CA PRO B 293 -8.19 8.03 -11.70
C PRO B 293 -8.92 6.72 -11.97
N GLN B 294 -8.76 5.78 -11.04
CA GLN B 294 -9.45 4.48 -11.05
C GLN B 294 -9.08 3.66 -12.29
N GLU B 295 -7.82 3.74 -12.69
CA GLU B 295 -7.28 2.97 -13.80
C GLU B 295 -5.88 2.50 -13.42
N SER B 296 -5.69 1.18 -13.36
CA SER B 296 -4.42 0.61 -12.96
C SER B 296 -3.91 -0.43 -13.95
N VAL B 297 -4.76 -1.37 -14.34
CA VAL B 297 -4.34 -2.49 -15.17
C VAL B 297 -3.97 -1.97 -16.56
N PHE B 298 -2.68 -2.09 -16.90
CA PHE B 298 -2.15 -1.78 -18.24
C PHE B 298 -2.42 -0.34 -18.67
N ARG B 299 -2.45 0.59 -17.72
CA ARG B 299 -2.54 2.02 -18.02
C ARG B 299 -1.61 2.72 -17.03
N PHE B 300 -0.34 2.82 -17.43
CA PHE B 300 0.69 3.45 -16.64
C PHE B 300 0.78 4.92 -17.02
N SER B 301 0.96 5.78 -16.03
CA SER B 301 0.81 7.22 -16.26
C SER B 301 1.92 7.78 -17.14
N PHE B 302 3.15 7.36 -16.92
CA PHE B 302 4.30 7.95 -17.61
C PHE B 302 5.08 6.87 -18.34
N VAL B 303 4.95 6.87 -19.66
CA VAL B 303 5.59 5.89 -20.54
C VAL B 303 6.32 6.68 -21.63
N PRO B 304 7.10 6.04 -22.50
CA PRO B 304 7.72 6.77 -23.61
C PRO B 304 6.71 7.52 -24.45
N VAL B 305 7.05 8.76 -24.81
CA VAL B 305 6.18 9.63 -25.59
C VAL B 305 6.65 9.63 -27.04
N VAL B 306 5.70 9.71 -27.96
CA VAL B 306 5.99 9.79 -29.38
C VAL B 306 6.03 11.28 -29.73
N ASP B 307 7.22 11.87 -29.65
CA ASP B 307 7.40 13.31 -29.82
C ASP B 307 8.09 13.70 -31.11
N GLY B 308 8.77 12.76 -31.79
CA GLY B 308 9.51 13.06 -33.00
C GLY B 308 11.01 13.08 -32.83
N ASP B 309 11.50 12.98 -31.59
CA ASP B 309 12.94 12.99 -31.35
C ASP B 309 13.46 11.56 -31.23
N PHE B 310 13.32 10.95 -30.04
CA PHE B 310 13.75 9.57 -29.86
C PHE B 310 13.02 8.64 -30.81
N LEU B 311 11.71 8.86 -30.97
CA LEU B 311 10.87 8.11 -31.91
C LEU B 311 10.33 9.09 -32.93
N SER B 312 10.85 9.02 -34.16
CA SER B 312 10.41 9.94 -35.21
C SER B 312 8.94 9.74 -35.57
N ASP B 313 8.39 8.56 -35.31
CA ASP B 313 6.99 8.28 -35.54
C ASP B 313 6.55 7.22 -34.54
N THR B 314 5.31 6.77 -34.67
CA THR B 314 4.82 5.72 -33.77
C THR B 314 5.63 4.45 -33.99
N PRO B 315 5.78 3.62 -32.94
CA PRO B 315 6.49 2.35 -33.12
C PRO B 315 5.88 1.48 -34.21
N GLU B 316 4.55 1.51 -34.39
CA GLU B 316 3.94 0.70 -35.44
C GLU B 316 4.37 1.19 -36.82
N ALA B 317 4.41 2.50 -37.02
CA ALA B 317 4.83 3.05 -38.31
C ALA B 317 6.31 2.75 -38.59
N LEU B 318 7.17 2.87 -37.58
CA LEU B 318 8.59 2.61 -37.76
C LEU B 318 8.85 1.12 -38.03
N ILE B 319 8.05 0.23 -37.44
CA ILE B 319 8.25 -1.20 -37.68
C ILE B 319 7.88 -1.57 -39.10
N ASN B 320 6.80 -0.98 -39.63
CA ASN B 320 6.34 -1.34 -40.96
C ASN B 320 7.30 -0.83 -42.04
N ALA B 321 7.72 0.42 -41.93
CA ALA B 321 8.59 1.04 -42.94
C ALA B 321 10.05 0.99 -42.52
N GLY B 322 10.53 -0.18 -42.14
CA GLY B 322 11.88 -0.32 -41.63
C GLY B 322 12.62 -1.49 -42.24
N ASP B 323 13.90 -1.28 -42.53
CA ASP B 323 14.78 -2.32 -43.05
C ASP B 323 15.56 -2.92 -41.88
N PHE B 324 15.53 -4.24 -41.78
CA PHE B 324 16.15 -4.95 -40.65
C PHE B 324 17.13 -6.00 -41.14
N HIS B 325 17.76 -5.79 -42.29
CA HIS B 325 18.75 -6.74 -42.78
C HIS B 325 20.00 -6.69 -41.89
N GLY B 326 20.56 -7.88 -41.63
CA GLY B 326 21.71 -7.96 -40.76
C GLY B 326 21.41 -7.90 -39.28
N LEU B 327 20.19 -8.24 -38.88
CA LEU B 327 19.76 -8.17 -37.49
C LEU B 327 19.19 -9.51 -37.07
N GLN B 328 19.60 -9.99 -35.89
CA GLN B 328 19.07 -11.22 -35.32
C GLN B 328 18.26 -10.88 -34.08
N VAL B 329 17.02 -11.36 -34.04
CA VAL B 329 16.09 -11.06 -32.95
C VAL B 329 15.60 -12.37 -32.35
N LEU B 330 15.44 -12.39 -31.03
CA LEU B 330 14.88 -13.54 -30.31
C LEU B 330 13.71 -13.04 -29.48
N VAL B 331 12.49 -13.38 -29.90
CA VAL B 331 11.28 -12.95 -29.21
C VAL B 331 10.58 -14.16 -28.61
N GLY B 332 9.71 -13.90 -27.65
CA GLY B 332 8.97 -14.98 -27.01
C GLY B 332 8.07 -14.44 -25.91
N VAL B 333 7.16 -15.31 -25.48
CA VAL B 333 6.20 -15.00 -24.43
C VAL B 333 6.08 -16.23 -23.53
N VAL B 334 5.33 -16.07 -22.44
CA VAL B 334 5.01 -17.19 -21.57
C VAL B 334 3.64 -17.73 -21.94
N LYS B 335 3.30 -18.91 -21.40
CA LYS B 335 2.06 -19.57 -21.80
C LYS B 335 0.83 -18.81 -21.31
N ASP B 336 0.92 -18.16 -20.13
CA ASP B 336 -0.20 -17.45 -19.52
C ASP B 336 0.23 -16.02 -19.21
N GLU B 337 0.19 -15.15 -20.23
CA GLU B 337 0.71 -13.79 -20.08
C GLU B 337 -0.21 -12.89 -19.25
N GLY B 338 -1.51 -13.18 -19.22
CA GLY B 338 -2.44 -12.24 -18.63
C GLY B 338 -2.89 -12.54 -17.21
N SER B 339 -2.60 -13.75 -16.71
CA SER B 339 -3.14 -14.16 -15.42
C SER B 339 -2.60 -13.31 -14.27
N TYR B 340 -1.35 -12.86 -14.38
CA TYR B 340 -0.75 -12.05 -13.31
C TYR B 340 -1.47 -10.72 -13.15
N PHE B 341 -1.97 -10.14 -14.24
CA PHE B 341 -2.54 -8.81 -14.18
C PHE B 341 -4.01 -8.81 -13.74
N LEU B 342 -4.68 -9.97 -13.74
CA LEU B 342 -6.09 -10.02 -13.40
C LEU B 342 -6.35 -9.70 -11.94
N VAL B 343 -5.43 -10.07 -11.04
CA VAL B 343 -5.61 -9.85 -9.61
C VAL B 343 -5.45 -8.36 -9.27
N TYR B 344 -5.15 -7.55 -10.28
CA TYR B 344 -4.90 -6.12 -10.10
C TYR B 344 -6.10 -5.25 -10.44
N GLY B 345 -7.30 -5.81 -10.53
CA GLY B 345 -8.44 -4.96 -10.81
C GLY B 345 -9.62 -5.61 -11.50
N ALA B 346 -9.45 -6.82 -11.99
CA ALA B 346 -10.57 -7.51 -12.61
C ALA B 346 -11.52 -8.01 -11.52
N PRO B 347 -12.83 -7.76 -11.65
CA PRO B 347 -13.75 -8.16 -10.58
C PRO B 347 -13.86 -9.67 -10.46
N GLY B 348 -13.95 -10.15 -9.22
CA GLY B 348 -14.04 -11.57 -8.94
C GLY B 348 -12.72 -12.31 -8.86
N PHE B 349 -11.59 -11.63 -9.07
CA PHE B 349 -10.29 -12.27 -9.10
C PHE B 349 -9.55 -12.07 -7.78
N SER B 350 -8.89 -13.14 -7.33
CA SER B 350 -8.14 -13.13 -6.08
C SER B 350 -7.15 -14.29 -6.13
N LYS B 351 -5.89 -14.02 -5.79
CA LYS B 351 -4.88 -15.07 -5.84
C LYS B 351 -5.11 -16.16 -4.80
N ASP B 352 -5.97 -15.91 -3.81
CA ASP B 352 -6.16 -16.84 -2.70
C ASP B 352 -7.38 -17.75 -2.85
N ASN B 353 -8.15 -17.61 -3.93
CA ASN B 353 -9.21 -18.55 -4.24
C ASN B 353 -9.03 -19.00 -5.69
N GLU B 354 -10.06 -19.59 -6.27
CA GLU B 354 -10.01 -20.14 -7.62
C GLU B 354 -10.38 -19.14 -8.70
N SER B 355 -10.87 -17.97 -8.33
CA SER B 355 -11.22 -16.92 -9.30
C SER B 355 -12.18 -17.44 -10.36
N LEU B 356 -13.14 -18.25 -9.94
CA LEU B 356 -14.18 -18.78 -10.82
C LEU B 356 -15.20 -17.67 -11.06
N ILE B 357 -14.96 -16.85 -12.06
CA ILE B 357 -15.76 -15.66 -12.29
C ILE B 357 -17.08 -16.03 -12.99
N SER B 358 -18.06 -15.14 -12.86
CA SER B 358 -19.36 -15.32 -13.48
C SER B 358 -19.36 -14.74 -14.89
N ARG B 359 -20.50 -14.87 -15.56
CA ARG B 359 -20.64 -14.30 -16.90
C ARG B 359 -20.59 -12.78 -16.85
N ALA B 360 -21.19 -12.17 -15.83
CA ALA B 360 -21.18 -10.71 -15.73
C ALA B 360 -19.79 -10.20 -15.38
N GLU B 361 -19.06 -10.93 -14.53
CA GLU B 361 -17.71 -10.52 -14.18
C GLU B 361 -16.76 -10.63 -15.36
N PHE B 362 -16.96 -11.61 -16.23
CA PHE B 362 -16.17 -11.70 -17.45
C PHE B 362 -16.47 -10.53 -18.38
N LEU B 363 -17.73 -10.12 -18.46
CA LEU B 363 -18.09 -8.96 -19.29
C LEU B 363 -17.45 -7.68 -18.75
N ALA B 364 -17.36 -7.56 -17.42
CA ALA B 364 -16.74 -6.38 -16.83
C ALA B 364 -15.22 -6.44 -16.90
N GLY B 365 -14.65 -7.65 -16.80
CA GLY B 365 -13.20 -7.77 -16.85
C GLY B 365 -12.59 -7.38 -18.18
N VAL B 366 -13.33 -7.60 -19.27
CA VAL B 366 -12.83 -7.21 -20.59
C VAL B 366 -12.67 -5.69 -20.66
N ARG B 367 -13.51 -4.95 -19.94
CA ARG B 367 -13.41 -3.50 -19.92
C ARG B 367 -12.15 -3.03 -19.20
N VAL B 368 -11.67 -3.81 -18.23
CA VAL B 368 -10.46 -3.43 -17.50
C VAL B 368 -9.20 -3.91 -18.22
N GLY B 369 -9.21 -5.13 -18.74
CA GLY B 369 -8.05 -5.65 -19.46
C GLY B 369 -7.84 -4.99 -20.80
N VAL B 370 -8.93 -4.59 -21.46
CA VAL B 370 -8.85 -3.89 -22.74
C VAL B 370 -9.46 -2.50 -22.53
N PRO B 371 -8.72 -1.56 -21.96
CA PRO B 371 -9.31 -0.25 -21.67
C PRO B 371 -9.42 0.63 -22.91
N GLN B 372 -10.31 1.60 -22.82
CA GLN B 372 -10.48 2.65 -23.84
C GLN B 372 -10.80 2.05 -25.21
N VAL B 373 -11.88 1.28 -25.24
CA VAL B 373 -12.41 0.71 -26.48
C VAL B 373 -13.91 0.92 -26.50
N SER B 374 -14.46 1.02 -27.70
CA SER B 374 -15.89 1.24 -27.86
C SER B 374 -16.69 0.04 -27.35
N ASP B 375 -17.96 0.30 -27.01
CA ASP B 375 -18.82 -0.77 -26.51
C ASP B 375 -19.06 -1.83 -27.56
N LEU B 376 -19.11 -1.45 -28.84
CA LEU B 376 -19.23 -2.44 -29.91
C LEU B 376 -17.97 -3.29 -30.00
N ALA B 377 -16.81 -2.69 -29.78
CA ALA B 377 -15.56 -3.44 -29.83
C ALA B 377 -15.46 -4.41 -28.66
N ALA B 378 -16.04 -4.07 -27.51
CA ALA B 378 -15.99 -4.98 -26.36
C ALA B 378 -16.75 -6.26 -26.61
N GLU B 379 -17.87 -6.19 -27.34
CA GLU B 379 -18.62 -7.41 -27.64
C GLU B 379 -17.85 -8.31 -28.59
N ALA B 380 -17.28 -7.75 -29.66
CA ALA B 380 -16.47 -8.55 -30.57
C ALA B 380 -15.37 -9.29 -29.82
N VAL B 381 -14.84 -8.69 -28.75
CA VAL B 381 -13.87 -9.38 -27.91
C VAL B 381 -14.55 -10.52 -27.16
N VAL B 382 -15.71 -10.24 -26.57
CA VAL B 382 -16.45 -11.26 -25.82
C VAL B 382 -16.87 -12.40 -26.73
N LEU B 383 -17.39 -12.08 -27.91
CA LEU B 383 -17.90 -13.13 -28.79
C LEU B 383 -16.77 -13.95 -29.42
N HIS B 384 -15.58 -13.37 -29.55
CA HIS B 384 -14.46 -14.14 -30.09
C HIS B 384 -13.86 -15.07 -29.04
N TYR B 385 -13.92 -14.68 -27.76
CA TYR B 385 -13.31 -15.43 -26.68
C TYR B 385 -14.30 -16.25 -25.87
N THR B 386 -15.56 -16.30 -26.29
CA THR B 386 -16.56 -17.12 -25.62
C THR B 386 -16.64 -18.49 -26.27
N ASP B 387 -16.58 -19.53 -25.46
CA ASP B 387 -16.93 -20.88 -25.92
C ASP B 387 -18.45 -21.00 -25.85
N TRP B 388 -19.10 -21.03 -27.01
CA TRP B 388 -20.57 -20.95 -27.02
C TRP B 388 -21.23 -22.28 -26.73
N LEU B 389 -20.47 -23.34 -26.52
CA LEU B 389 -21.01 -24.56 -25.90
C LEU B 389 -20.97 -24.49 -24.38
N HIS B 390 -20.10 -23.67 -23.80
CA HIS B 390 -20.02 -23.48 -22.35
C HIS B 390 -19.88 -21.99 -22.03
N PRO B 391 -20.89 -21.19 -22.39
CA PRO B 391 -20.77 -19.73 -22.20
C PRO B 391 -20.85 -19.29 -20.75
N GLU B 392 -21.18 -20.18 -19.82
CA GLU B 392 -21.32 -19.84 -18.42
C GLU B 392 -20.33 -20.55 -17.51
N ASP B 393 -19.48 -21.41 -18.05
CA ASP B 393 -18.50 -22.15 -17.25
C ASP B 393 -17.50 -21.18 -16.63
N PRO B 394 -17.43 -21.07 -15.30
CA PRO B 394 -16.51 -20.08 -14.70
C PRO B 394 -15.05 -20.35 -15.01
N ALA B 395 -14.62 -21.61 -15.01
CA ALA B 395 -13.22 -21.92 -15.27
C ALA B 395 -12.82 -21.52 -16.68
N ARG B 396 -13.67 -21.76 -17.67
CA ARG B 396 -13.36 -21.38 -19.03
C ARG B 396 -13.39 -19.86 -19.20
N LEU B 397 -14.31 -19.19 -18.51
CA LEU B 397 -14.35 -17.73 -18.56
C LEU B 397 -13.11 -17.12 -17.92
N ARG B 398 -12.58 -17.77 -16.88
CA ARG B 398 -11.35 -17.29 -16.26
C ARG B 398 -10.18 -17.33 -17.24
N GLU B 399 -9.96 -18.49 -17.87
CA GLU B 399 -8.91 -18.60 -18.87
C GLU B 399 -9.18 -17.73 -20.08
N ALA B 400 -10.46 -17.46 -20.38
CA ALA B 400 -10.78 -16.59 -21.50
C ALA B 400 -10.32 -15.16 -21.24
N LEU B 401 -10.68 -14.62 -20.07
CA LEU B 401 -10.23 -13.27 -19.74
C LEU B 401 -8.71 -13.21 -19.61
N SER B 402 -8.10 -14.29 -19.13
CA SER B 402 -6.64 -14.36 -19.09
C SER B 402 -6.06 -14.28 -20.49
N ASP B 403 -6.70 -14.93 -21.47
CA ASP B 403 -6.24 -14.83 -22.85
C ASP B 403 -6.51 -13.44 -23.43
N VAL B 404 -7.69 -12.88 -23.13
CA VAL B 404 -8.02 -11.55 -23.64
C VAL B 404 -6.95 -10.54 -23.25
N VAL B 405 -6.56 -10.56 -21.97
CA VAL B 405 -5.57 -9.61 -21.48
C VAL B 405 -4.18 -9.96 -21.99
N GLY B 406 -3.85 -11.25 -22.04
CA GLY B 406 -2.53 -11.64 -22.52
C GLY B 406 -2.33 -11.38 -23.99
N ASP B 407 -3.38 -11.60 -24.80
CA ASP B 407 -3.24 -11.41 -26.25
C ASP B 407 -3.18 -9.93 -26.61
N HIS B 408 -4.08 -9.13 -26.03
CA HIS B 408 -4.16 -7.73 -26.41
C HIS B 408 -2.91 -6.95 -26.04
N ASN B 409 -2.27 -7.30 -24.93
CA ASN B 409 -1.17 -6.48 -24.40
C ASN B 409 0.21 -7.05 -24.68
N VAL B 410 0.36 -8.36 -24.82
CA VAL B 410 1.68 -8.96 -24.92
C VAL B 410 1.82 -9.78 -26.19
N VAL B 411 1.05 -10.87 -26.28
CA VAL B 411 1.33 -11.91 -27.27
C VAL B 411 1.17 -11.38 -28.69
N CYS B 412 0.13 -10.59 -28.93
CA CYS B 412 -0.14 -10.16 -30.30
C CYS B 412 0.73 -8.98 -30.73
N PRO B 413 1.00 -8.00 -29.88
CA PRO B 413 2.01 -7.00 -30.26
C PRO B 413 3.39 -7.60 -30.52
N VAL B 414 3.72 -8.70 -29.83
CA VAL B 414 4.99 -9.38 -30.09
C VAL B 414 4.94 -10.10 -31.43
N ALA B 415 3.86 -10.84 -31.68
CA ALA B 415 3.74 -11.58 -32.94
C ALA B 415 3.67 -10.64 -34.12
N GLN B 416 2.96 -9.51 -33.98
CA GLN B 416 2.94 -8.50 -35.01
C GLN B 416 4.36 -8.02 -35.34
N LEU B 417 5.16 -7.78 -34.31
CA LEU B 417 6.53 -7.32 -34.51
C LEU B 417 7.41 -8.42 -35.09
N ALA B 418 7.27 -9.65 -34.58
CA ALA B 418 8.12 -10.74 -35.07
C ALA B 418 7.85 -11.05 -36.54
N GLY B 419 6.61 -10.91 -36.98
CA GLY B 419 6.30 -11.16 -38.38
C GLY B 419 6.88 -10.09 -39.30
N ARG B 420 6.77 -8.83 -38.89
CA ARG B 420 7.31 -7.75 -39.72
C ARG B 420 8.83 -7.77 -39.78
N LEU B 421 9.49 -8.18 -38.69
CA LEU B 421 10.95 -8.25 -38.70
C LEU B 421 11.44 -9.34 -39.64
N ALA B 422 10.87 -10.54 -39.52
CA ALA B 422 11.32 -11.68 -40.33
C ALA B 422 11.06 -11.45 -41.82
N ALA B 423 10.00 -10.71 -42.14
CA ALA B 423 9.64 -10.43 -43.53
C ALA B 423 10.33 -9.19 -44.09
N GLN B 424 11.22 -8.57 -43.33
CA GLN B 424 11.91 -7.37 -43.79
C GLN B 424 13.40 -7.43 -43.52
N GLY B 425 13.97 -8.64 -43.51
CA GLY B 425 15.41 -8.84 -43.48
C GLY B 425 15.92 -9.51 -42.22
N ALA B 426 15.28 -9.25 -41.09
CA ALA B 426 15.78 -9.75 -39.82
C ALA B 426 15.58 -11.26 -39.70
N ARG B 427 16.54 -11.92 -39.06
CA ARG B 427 16.41 -13.32 -38.69
C ARG B 427 15.80 -13.39 -37.30
N VAL B 428 14.67 -14.06 -37.17
CA VAL B 428 13.88 -14.06 -35.94
C VAL B 428 13.69 -15.49 -35.47
N TYR B 429 13.92 -15.71 -34.19
CA TYR B 429 13.59 -16.97 -33.53
C TYR B 429 12.54 -16.68 -32.45
N ALA B 430 11.59 -17.59 -32.30
CA ALA B 430 10.48 -17.38 -31.39
C ALA B 430 10.34 -18.57 -30.45
N TYR B 431 9.88 -18.31 -29.23
CA TYR B 431 9.67 -19.34 -28.23
C TYR B 431 8.39 -19.06 -27.46
N VAL B 432 7.93 -20.07 -26.72
CA VAL B 432 6.84 -19.94 -25.76
C VAL B 432 7.24 -20.73 -24.53
N PHE B 433 7.42 -20.03 -23.41
CA PHE B 433 7.86 -20.65 -22.16
C PHE B 433 6.66 -21.35 -21.51
N GLU B 434 6.76 -22.67 -21.35
CA GLU B 434 5.64 -23.49 -20.87
C GLU B 434 6.00 -24.33 -19.65
N HIS B 435 6.94 -23.88 -18.84
CA HIS B 435 7.29 -24.57 -17.61
C HIS B 435 6.92 -23.72 -16.40
N ARG B 436 6.15 -24.30 -15.48
CA ARG B 436 5.81 -23.64 -14.23
C ARG B 436 6.79 -24.10 -13.15
N ALA B 437 7.48 -23.13 -12.53
CA ALA B 437 8.49 -23.46 -11.52
C ALA B 437 7.86 -24.17 -10.34
N SER B 438 8.55 -25.19 -9.83
CA SER B 438 8.07 -25.96 -8.70
C SER B 438 8.00 -25.15 -7.41
N THR B 439 8.65 -23.98 -7.37
CA THR B 439 8.67 -23.13 -6.19
C THR B 439 7.78 -21.91 -6.34
N LEU B 440 6.90 -21.90 -7.34
CA LEU B 440 6.10 -20.71 -7.63
C LEU B 440 5.04 -20.51 -6.55
N SER B 441 4.98 -19.29 -6.01
CA SER B 441 4.07 -18.96 -4.92
C SER B 441 2.70 -18.48 -5.40
N TRP B 442 2.56 -18.13 -6.67
CA TRP B 442 1.26 -17.75 -7.20
C TRP B 442 0.35 -18.97 -7.27
N PRO B 443 -0.97 -18.76 -7.33
CA PRO B 443 -1.89 -19.90 -7.39
C PRO B 443 -1.69 -20.73 -8.66
N LEU B 444 -2.19 -21.95 -8.61
CA LEU B 444 -1.99 -22.87 -9.72
C LEU B 444 -2.76 -22.43 -10.96
N TRP B 445 -3.91 -21.78 -10.79
CA TRP B 445 -4.73 -21.42 -11.94
C TRP B 445 -4.09 -20.34 -12.81
N MET B 446 -3.04 -19.67 -12.34
CA MET B 446 -2.35 -18.70 -13.17
C MET B 446 -1.38 -19.34 -14.16
N GLY B 447 -1.12 -20.64 -14.02
CA GLY B 447 -0.26 -21.34 -14.95
C GLY B 447 1.18 -20.86 -14.92
N VAL B 448 1.65 -20.34 -16.03
CA VAL B 448 2.99 -19.75 -16.13
C VAL B 448 2.81 -18.25 -16.25
N PRO B 449 2.84 -17.51 -15.15
CA PRO B 449 2.51 -16.08 -15.20
C PRO B 449 3.60 -15.28 -15.89
N HIS B 450 3.27 -14.02 -16.13
CA HIS B 450 4.19 -13.08 -16.76
C HIS B 450 5.37 -12.80 -15.85
N GLY B 451 6.58 -12.91 -16.41
CA GLY B 451 7.80 -12.59 -15.70
C GLY B 451 8.50 -13.75 -15.04
N TYR B 452 7.94 -14.95 -15.09
CA TYR B 452 8.52 -16.09 -14.39
C TYR B 452 9.27 -17.04 -15.33
N GLU B 453 9.81 -16.50 -16.41
CA GLU B 453 10.86 -17.15 -17.17
C GLU B 453 12.23 -16.52 -16.89
N ILE B 454 12.24 -15.35 -16.23
CA ILE B 454 13.49 -14.64 -15.97
C ILE B 454 14.39 -15.43 -15.04
N GLU B 455 13.81 -16.08 -14.02
CA GLU B 455 14.62 -16.83 -13.07
C GLU B 455 15.32 -18.01 -13.72
N PHE B 456 14.82 -18.51 -14.85
CA PHE B 456 15.50 -19.60 -15.53
C PHE B 456 16.52 -19.11 -16.55
N ILE B 457 16.34 -17.90 -17.11
CA ILE B 457 17.34 -17.33 -17.99
C ILE B 457 18.60 -16.99 -17.21
N PHE B 458 18.44 -16.53 -15.97
CA PHE B 458 19.56 -16.12 -15.12
C PHE B 458 20.11 -17.27 -14.28
N GLY B 459 19.64 -18.49 -14.50
CA GLY B 459 20.18 -19.65 -13.80
C GLY B 459 19.97 -19.64 -12.31
N ILE B 460 18.91 -18.96 -11.85
CA ILE B 460 18.64 -18.92 -10.40
C ILE B 460 18.46 -20.31 -9.80
N PRO B 461 17.88 -21.30 -10.49
CA PRO B 461 17.79 -22.63 -9.88
C PRO B 461 19.13 -23.23 -9.45
N LEU B 462 20.25 -22.72 -9.95
CA LEU B 462 21.56 -23.21 -9.54
C LEU B 462 21.95 -22.76 -8.14
N ASP B 463 21.23 -21.79 -7.57
CA ASP B 463 21.49 -21.33 -6.21
C ASP B 463 21.20 -22.46 -5.22
N PRO B 464 22.21 -22.95 -4.49
CA PRO B 464 21.98 -24.10 -3.60
C PRO B 464 21.07 -23.78 -2.43
N SER B 465 20.85 -22.51 -2.11
CA SER B 465 19.97 -22.13 -1.01
C SER B 465 18.50 -22.16 -1.41
N ARG B 466 18.18 -22.51 -2.65
CA ARG B 466 16.81 -22.57 -3.13
C ARG B 466 16.42 -24.01 -3.43
N ASN B 467 15.12 -24.27 -3.38
CA ASN B 467 14.61 -25.65 -3.42
C ASN B 467 14.06 -26.01 -4.80
N TYR B 468 14.86 -25.80 -5.84
CA TYR B 468 14.48 -26.27 -7.16
C TYR B 468 14.83 -27.75 -7.33
N THR B 469 14.20 -28.38 -8.31
CA THR B 469 14.46 -29.78 -8.58
C THR B 469 15.71 -29.96 -9.44
N ALA B 470 16.16 -31.20 -9.54
CA ALA B 470 17.31 -31.50 -10.40
C ALA B 470 16.96 -31.27 -11.86
N GLU B 471 15.72 -31.58 -12.25
CA GLU B 471 15.28 -31.38 -13.63
C GLU B 471 15.28 -29.90 -14.00
N GLU B 472 14.90 -29.03 -13.05
CA GLU B 472 14.90 -27.59 -13.32
C GLU B 472 16.31 -27.04 -13.42
N LYS B 473 17.27 -27.65 -12.72
CA LYS B 473 18.66 -27.20 -12.82
C LYS B 473 19.21 -27.48 -14.22
N ILE B 474 19.00 -28.69 -14.73
CA ILE B 474 19.43 -29.01 -16.09
C ILE B 474 18.67 -28.15 -17.09
N PHE B 475 17.40 -27.88 -16.83
CA PHE B 475 16.60 -27.06 -17.73
C PHE B 475 17.11 -25.62 -17.76
N ALA B 476 17.55 -25.10 -16.62
CA ALA B 476 18.08 -23.74 -16.59
C ALA B 476 19.39 -23.64 -17.35
N GLN B 477 20.24 -24.67 -17.25
CA GLN B 477 21.50 -24.66 -17.98
C GLN B 477 21.26 -24.73 -19.48
N ARG B 478 20.23 -25.45 -19.92
CA ARG B 478 19.93 -25.53 -21.35
C ARG B 478 19.41 -24.18 -21.85
N LEU B 479 18.60 -23.49 -21.06
CA LEU B 479 18.11 -22.18 -21.47
C LEU B 479 19.25 -21.16 -21.52
N MET B 480 20.17 -21.20 -20.55
CA MET B 480 21.29 -20.28 -20.55
C MET B 480 22.17 -20.47 -21.78
N ARG B 481 22.32 -21.72 -22.24
CA ARG B 481 23.10 -21.95 -23.45
C ARG B 481 22.39 -21.38 -24.68
N TYR B 482 21.06 -21.53 -24.76
CA TYR B 482 20.30 -20.92 -25.84
C TYR B 482 20.56 -19.41 -25.90
N TRP B 483 20.41 -18.73 -24.77
CA TRP B 483 20.61 -17.28 -24.74
C TRP B 483 22.07 -16.91 -25.01
N ALA B 484 23.01 -17.72 -24.51
CA ALA B 484 24.41 -17.43 -24.73
C ALA B 484 24.81 -17.66 -26.19
N ASN B 485 24.35 -18.76 -26.79
CA ASN B 485 24.65 -19.02 -28.19
C ASN B 485 24.11 -17.91 -29.08
N PHE B 486 22.89 -17.43 -28.80
CA PHE B 486 22.35 -16.32 -29.57
C PHE B 486 23.17 -15.06 -29.39
N ALA B 487 23.70 -14.84 -28.18
CA ALA B 487 24.55 -13.68 -27.96
C ALA B 487 25.85 -13.79 -28.76
N ARG B 488 26.39 -15.00 -28.87
CA ARG B 488 27.66 -15.19 -29.57
C ARG B 488 27.48 -15.21 -31.08
N THR B 489 26.70 -16.16 -31.58
CA THR B 489 26.60 -16.41 -33.01
C THR B 489 25.31 -15.92 -33.65
N GLY B 490 24.40 -15.31 -32.87
CA GLY B 490 23.12 -14.92 -33.43
C GLY B 490 22.19 -16.06 -33.76
N ASP B 491 22.49 -17.27 -33.27
CA ASP B 491 21.70 -18.47 -33.53
C ASP B 491 21.60 -19.27 -32.25
N PRO B 492 20.40 -19.50 -31.73
CA PRO B 492 20.28 -20.21 -30.44
C PRO B 492 20.71 -21.66 -30.48
N ASN B 493 20.75 -22.29 -31.65
CA ASN B 493 21.15 -23.69 -31.75
C ASN B 493 22.64 -23.83 -31.52
N GLU B 494 23.03 -24.99 -30.98
CA GLU B 494 24.44 -25.27 -30.74
C GLU B 494 25.18 -25.35 -32.08
N PRO B 495 26.31 -24.66 -32.22
CA PRO B 495 26.93 -24.52 -33.54
C PRO B 495 27.39 -25.84 -34.16
N ARG B 496 27.53 -26.90 -33.37
CA ARG B 496 28.04 -28.16 -33.89
C ARG B 496 27.30 -29.40 -33.40
N ASP B 497 26.37 -29.28 -32.45
CA ASP B 497 25.70 -30.44 -31.89
C ASP B 497 24.44 -30.74 -32.69
N PRO B 498 24.35 -31.88 -33.37
CA PRO B 498 23.12 -32.26 -34.07
C PRO B 498 22.19 -33.17 -33.29
N LYS B 499 22.58 -33.60 -32.08
CA LYS B 499 21.77 -34.53 -31.32
C LYS B 499 20.47 -33.87 -30.83
N ALA B 500 20.58 -32.71 -30.19
CA ALA B 500 19.40 -32.01 -29.71
C ALA B 500 18.56 -31.51 -30.88
N PRO B 501 17.24 -31.47 -30.72
CA PRO B 501 16.39 -30.97 -31.80
C PRO B 501 16.73 -29.53 -32.16
N GLN B 502 16.47 -29.18 -33.41
CA GLN B 502 16.85 -27.87 -33.94
C GLN B 502 15.74 -26.84 -33.70
N TRP B 503 16.14 -25.58 -33.63
CA TRP B 503 15.23 -24.46 -33.44
C TRP B 503 15.10 -23.70 -34.76
N PRO B 504 14.05 -23.95 -35.54
CA PRO B 504 13.96 -23.29 -36.84
C PRO B 504 13.62 -21.82 -36.68
N PRO B 505 14.12 -20.96 -37.56
CA PRO B 505 13.79 -19.53 -37.48
C PRO B 505 12.31 -19.29 -37.69
N TYR B 506 11.85 -18.15 -37.19
CA TYR B 506 10.47 -17.72 -37.33
C TYR B 506 10.35 -16.90 -38.61
N THR B 507 9.47 -17.33 -39.52
CA THR B 507 9.19 -16.61 -40.74
C THR B 507 7.74 -16.16 -40.76
N ALA B 508 7.44 -15.14 -41.57
CA ALA B 508 6.10 -14.60 -41.62
C ALA B 508 5.09 -15.59 -42.19
N GLY B 509 5.55 -16.62 -42.90
CA GLY B 509 4.66 -17.60 -43.48
C GLY B 509 4.51 -18.86 -42.64
N ALA B 510 5.62 -19.55 -42.36
CA ALA B 510 5.55 -20.77 -41.57
C ALA B 510 5.21 -20.47 -40.12
N GLN B 511 5.71 -19.35 -39.59
CA GLN B 511 5.43 -18.90 -38.22
C GLN B 511 5.78 -19.98 -37.20
N GLN B 512 7.01 -20.48 -37.28
CA GLN B 512 7.45 -21.56 -36.42
C GLN B 512 8.06 -21.02 -35.14
N TYR B 513 7.81 -21.73 -34.04
CA TYR B 513 8.40 -21.40 -32.74
C TYR B 513 8.62 -22.71 -32.00
N VAL B 514 9.35 -22.63 -30.89
CA VAL B 514 9.63 -23.81 -30.08
C VAL B 514 9.03 -23.59 -28.69
N SER B 515 8.79 -24.70 -28.01
CA SER B 515 8.25 -24.70 -26.66
C SER B 515 9.38 -25.00 -25.69
N LEU B 516 9.54 -24.14 -24.68
CA LEU B 516 10.60 -24.27 -23.69
C LEU B 516 9.99 -24.85 -22.41
N ASP B 517 10.30 -26.11 -22.14
CA ASP B 517 9.87 -26.79 -20.92
C ASP B 517 10.84 -27.94 -20.67
N LEU B 518 10.49 -28.82 -19.72
CA LEU B 518 11.38 -29.92 -19.36
C LEU B 518 11.52 -30.94 -20.47
N ARG B 519 10.58 -31.00 -21.39
CA ARG B 519 10.72 -31.88 -22.55
C ARG B 519 11.68 -31.27 -23.56
N PRO B 520 12.25 -32.08 -24.44
CA PRO B 520 13.08 -31.54 -25.52
C PRO B 520 12.29 -30.58 -26.40
N LEU B 521 13.02 -29.85 -27.24
CA LEU B 521 12.38 -28.85 -28.10
C LEU B 521 11.34 -29.49 -29.00
N GLU B 522 10.21 -28.81 -29.14
CA GLU B 522 9.13 -29.22 -30.03
C GLU B 522 8.72 -28.02 -30.86
N VAL B 523 8.72 -28.19 -32.18
CA VAL B 523 8.37 -27.10 -33.09
C VAL B 523 6.86 -27.04 -33.25
N ARG B 524 6.33 -25.82 -33.21
CA ARG B 524 4.92 -25.55 -33.43
C ARG B 524 4.79 -24.38 -34.39
N ARG B 525 3.56 -24.11 -34.81
CA ARG B 525 3.29 -23.04 -35.77
C ARG B 525 2.19 -22.13 -35.22
N GLY B 526 2.45 -20.83 -35.27
CA GLY B 526 1.44 -19.86 -34.90
C GLY B 526 1.52 -19.36 -33.48
N LEU B 527 1.95 -18.11 -33.31
CA LEU B 527 1.90 -17.43 -32.01
C LEU B 527 0.49 -16.88 -31.82
N ARG B 528 -0.42 -17.78 -31.44
CA ARG B 528 -1.84 -17.46 -31.27
C ARG B 528 -2.39 -16.82 -32.56
N ALA B 529 -2.22 -17.55 -33.65
CA ALA B 529 -2.47 -16.99 -34.98
C ALA B 529 -3.92 -16.55 -35.14
N GLN B 530 -4.86 -17.37 -34.70
CA GLN B 530 -6.28 -17.03 -34.83
C GLN B 530 -6.64 -15.84 -33.95
N ALA B 531 -6.17 -15.84 -32.70
CA ALA B 531 -6.51 -14.75 -31.79
C ALA B 531 -5.88 -13.44 -32.26
N CYS B 532 -4.61 -13.48 -32.67
CA CYS B 532 -3.93 -12.24 -33.01
C CYS B 532 -4.41 -11.66 -34.33
N ALA B 533 -5.07 -12.45 -35.17
CA ALA B 533 -5.72 -11.88 -36.34
C ALA B 533 -6.89 -10.99 -35.95
N PHE B 534 -7.56 -11.31 -34.84
CA PHE B 534 -8.65 -10.46 -34.38
C PHE B 534 -8.12 -9.10 -33.91
N TRP B 535 -6.99 -9.08 -33.21
CA TRP B 535 -6.47 -7.83 -32.69
C TRP B 535 -5.72 -7.03 -33.75
N ASN B 536 -4.89 -7.70 -34.56
CA ASN B 536 -4.03 -7.01 -35.51
C ASN B 536 -4.69 -6.72 -36.84
N ARG B 537 -5.77 -7.44 -37.20
CA ARG B 537 -6.38 -7.27 -38.51
C ARG B 537 -7.82 -6.78 -38.44
N PHE B 538 -8.66 -7.36 -37.59
CA PHE B 538 -10.06 -6.99 -37.56
C PHE B 538 -10.35 -5.78 -36.68
N LEU B 539 -9.82 -5.76 -35.46
CA LEU B 539 -10.17 -4.69 -34.53
C LEU B 539 -9.84 -3.30 -35.05
N PRO B 540 -8.69 -3.03 -35.70
CA PRO B 540 -8.48 -1.70 -36.28
C PRO B 540 -9.53 -1.35 -37.32
N LYS B 541 -10.18 -2.37 -37.92
CA LYS B 541 -11.23 -2.16 -38.91
C LYS B 541 -12.54 -1.73 -38.25
N LEU B 542 -12.78 -2.25 -37.04
CA LEU B 542 -13.96 -1.87 -36.27
C LEU B 542 -13.79 -0.54 -35.57
N LEU B 543 -12.56 -0.19 -35.17
CA LEU B 543 -12.32 1.07 -34.50
C LEU B 543 -12.19 2.24 -35.48
N SER B 544 -11.96 1.97 -36.76
CA SER B 544 -11.92 3.05 -37.75
C SER B 544 -13.30 3.62 -38.00
N ALA B 545 -14.25 2.75 -38.35
CA ALA B 545 -15.65 3.14 -38.50
C ALA B 545 -16.33 3.02 -37.13
N THR B 546 -16.40 4.14 -36.41
CA THR B 546 -16.94 4.15 -35.05
C THR B 546 -18.41 3.74 -35.01
C1 DEP C . -13.79 6.68 13.37
C2 DEP C . -14.53 6.16 12.15
C3 DEP C . -9.65 6.24 12.28
C4 DEP C . -10.40 5.36 11.28
O1 DEP C . -12.86 5.73 13.74
O2 DEP C . -10.57 7.00 13.01
O3 DEP C . -10.64 5.18 14.79
P DEP C . -11.40 6.29 14.25
C1 GOL D . 2.05 14.64 13.23
O1 GOL D . 2.41 15.60 12.26
C2 GOL D . 2.27 15.21 14.63
O2 GOL D . 1.28 14.70 15.50
C3 GOL D . 2.23 16.73 14.59
O3 GOL D . 2.52 17.29 15.85
C1 GOL E . -7.91 7.05 15.31
O1 GOL E . -8.01 6.59 16.64
C2 GOL E . -6.50 7.57 15.09
O2 GOL E . -6.56 8.98 15.04
C3 GOL E . -5.94 6.98 13.80
O3 GOL E . -6.70 7.41 12.69
S DMS F . -10.64 5.39 6.76
O DMS F . -11.81 6.23 6.37
C1 DMS F . -10.08 4.44 5.32
C2 DMS F . -9.19 6.45 7.05
C1 DEP G . 3.37 -4.97 -18.90
C2 DEP G . 3.42 -6.00 -20.02
C3 DEP G . 5.07 -5.16 -15.26
C4 DEP G . 3.77 -4.38 -15.07
O1 DEP G . 4.63 -4.40 -18.70
O2 DEP G . 5.04 -5.89 -16.45
O3 DEP G . 6.79 -4.29 -17.37
P DEP G . 5.74 -5.22 -17.79
C1 GOL H . 8.32 -16.50 -6.70
O1 GOL H . 7.38 -17.40 -6.18
C2 GOL H . 9.49 -17.27 -7.31
O2 GOL H . 9.94 -16.59 -8.46
C3 GOL H . 9.04 -18.68 -7.67
O3 GOL H . 10.14 -19.48 -8.06
C1 GOL I . 7.82 -8.40 -14.52
O1 GOL I . 8.39 -8.03 -15.74
C2 GOL I . 8.10 -7.31 -13.50
O2 GOL I . 8.59 -6.17 -14.18
C3 GOL I . 6.82 -6.97 -12.74
O3 GOL I . 6.13 -8.15 -12.40
S DMS J . -0.28 -3.40 -13.39
O DMS J . -1.66 -3.95 -13.60
C1 DMS J . -0.37 -2.10 -12.12
C2 DMS J . 0.72 -4.64 -12.52
#